data_4MHS
#
_entry.id   4MHS
#
_cell.length_a   128.870
_cell.length_b   128.870
_cell.length_c   116.650
_cell.angle_alpha   90.00
_cell.angle_beta   90.00
_cell.angle_gamma   90.00
#
_symmetry.space_group_name_H-M   'P 43 21 2'
#
loop_
_entity.id
_entity.type
_entity.pdbx_description
1 polymer 'Glycogen phosphorylase, muscle form'
2 non-polymer N-[(2E)-3-(biphenyl-4-yl)prop-2-enoyl]-beta-D-glucopyranosylamine
3 non-polymer 'DIMETHYL SULFOXIDE'
4 water water
#
_entity_poly.entity_id   1
_entity_poly.type   'polypeptide(L)'
_entity_poly.pdbx_seq_one_letter_code
;QISVRGLAGVENVTELKKNFNRHLHFTLVKDRNVATPRDYYFALAHTVRDHLVGRWIRTQQHYYEKDPKRIYYLSLEFYM
GRTLQNTMVNLALENACDEATYQLGLDMEELEEIEEDAGLGNGGLGRLAACFLDSMATLGLAAYGYGIRYEFGIFNQKIC
GGWQMEEADDWLRYGNPWEKARPEFTLPVHFYGRVEHTSQGAKWVDTQVVLAMPYDTPVPGYRNNVVNTMRLWSAKAPND
FNLKDFNVGGYIQAVLDRNLAENISRVLYPNDNFFEGKELRLKQEYFVVAATLQDIIRRFKSSKFGCRDPVRTNFDAFPD
KVAIQLNDTHPSLAIPELMRVLVDLERLDWDKAWEVTVKTCAYTNHTVLPEALERWPVHLLETLLPRHLQIIYEINQRFL
NRVAAAFPGDVDRLRRMSLVEEGAVKRINMAHLCIAGSHAVNGVARIHSEILKKTIFKDFYELEPHKFQNKTNGITPRRW
LVLCNPGLAEIIAERIGEEYISDLDQLRKLLSYVDDEAFIRDVAKVKQENKLKFAAYLEREYKVHINPNSLFDVQVKRIH
EYKRQLLNCLHVITLYNRIKKEPNKFVVPRTVMIGGKAAPGYHMAKMIIKLITAIGDVVNHDPVVGDRLRVIFLENYRVS
LAEKVIPAADLSEQISTAGTEASGTGNM(LLP)FMLNGALTIGTMDGANVEMAEEAGEENFFIFGMRVEDVDRLDQRGYN
AQEYYDRIPELRQIIEQLSSGFFSPKQPDLFKDIVNMLMHHDRFKVFADYEEYVKCQERVSALYKNPREWTRMVIRNIAT
SGKFSSDRTIAQYAREIWGVEPSRQRLPA
;
_entity_poly.pdbx_strand_id   A
#
loop_
_chem_comp.id
_chem_comp.type
_chem_comp.name
_chem_comp.formula
26Q saccharide N-[(2E)-3-(biphenyl-4-yl)prop-2-enoyl]-beta-D-glucopyranosylamine 'C21 H23 N O6'
DMS non-polymer 'DIMETHYL SULFOXIDE' 'C2 H6 O S'
#
# COMPACT_ATOMS: atom_id res chain seq x y z
N GLN A 1 8.21 -30.90 -4.26
CA GLN A 1 7.98 -30.81 -5.74
C GLN A 1 8.99 -29.84 -6.41
N ILE A 2 8.93 -28.54 -6.09
CA ILE A 2 9.86 -27.53 -6.65
C ILE A 2 10.89 -27.10 -5.60
N SER A 3 12.12 -26.83 -6.05
CA SER A 3 13.28 -26.67 -5.14
C SER A 3 13.22 -25.45 -4.19
N VAL A 4 12.78 -24.30 -4.70
CA VAL A 4 12.70 -23.07 -3.88
C VAL A 4 11.76 -23.23 -2.67
N ARG A 5 10.82 -24.17 -2.75
CA ARG A 5 9.92 -24.46 -1.63
C ARG A 5 10.55 -25.26 -0.46
N GLY A 6 11.86 -25.52 -0.52
CA GLY A 6 12.61 -26.11 0.60
C GLY A 6 12.57 -27.63 0.73
N LEU A 7 13.15 -28.16 1.81
CA LEU A 7 13.23 -29.62 2.04
C LEU A 7 11.97 -30.21 2.67
N ALA A 8 11.68 -31.45 2.31
CA ALA A 8 10.60 -32.21 2.94
C ALA A 8 11.17 -33.46 3.67
N GLY A 9 11.98 -33.23 4.70
CA GLY A 9 12.58 -34.29 5.52
C GLY A 9 11.59 -35.20 6.23
N VAL A 10 11.98 -36.47 6.40
CA VAL A 10 11.10 -37.49 7.00
C VAL A 10 10.74 -37.14 8.44
N GLU A 11 11.76 -36.72 9.19
CA GLU A 11 11.60 -36.24 10.56
C GLU A 11 10.63 -35.04 10.61
N ASN A 12 10.89 -34.03 9.77
CA ASN A 12 10.03 -32.84 9.71
C ASN A 12 8.59 -33.16 9.38
N VAL A 13 8.37 -33.95 8.34
CA VAL A 13 7.02 -34.28 7.89
C VAL A 13 6.26 -35.03 9.00
N THR A 14 6.93 -36.00 9.61
CA THR A 14 6.32 -36.79 10.68
C THR A 14 5.85 -35.90 11.83
N GLU A 15 6.73 -34.98 12.24
CA GLU A 15 6.49 -34.06 13.35
C GLU A 15 5.37 -33.03 13.06
N LEU A 16 5.34 -32.49 11.85
CA LEU A 16 4.24 -31.63 11.42
C LEU A 16 2.92 -32.37 11.46
N LYS A 17 2.92 -33.64 11.03
CA LYS A 17 1.71 -34.44 11.04
C LYS A 17 1.14 -34.63 12.45
N LYS A 18 2.00 -34.93 13.41
CA LYS A 18 1.50 -35.15 14.77
C LYS A 18 1.08 -33.84 15.45
N ASN A 19 1.76 -32.73 15.16
CA ASN A 19 1.36 -31.44 15.69
C ASN A 19 0.05 -30.93 15.10
N PHE A 20 -0.18 -31.21 13.82
CA PHE A 20 -1.46 -30.92 13.18
C PHE A 20 -2.59 -31.64 13.92
N ASN A 21 -2.42 -32.94 14.13
CA ASN A 21 -3.42 -33.73 14.84
C ASN A 21 -3.61 -33.30 16.29
N ARG A 22 -2.53 -32.91 16.97
CA ARG A 22 -2.63 -32.38 18.31
C ARG A 22 -3.54 -31.13 18.33
N HIS A 23 -3.27 -30.18 17.43
CA HIS A 23 -4.06 -28.95 17.41
C HIS A 23 -5.51 -29.23 17.08
N LEU A 24 -5.76 -30.12 16.12
CA LEU A 24 -7.14 -30.40 15.75
C LEU A 24 -7.91 -30.89 16.98
N HIS A 25 -7.27 -31.76 17.77
CA HIS A 25 -7.88 -32.36 18.95
C HIS A 25 -7.94 -31.36 20.09
N PHE A 26 -6.79 -30.89 20.59
CA PHE A 26 -6.74 -30.08 21.78
C PHE A 26 -7.10 -28.59 21.59
N THR A 27 -6.73 -28.00 20.45
CA THR A 27 -6.95 -26.56 20.23
C THR A 27 -8.32 -26.28 19.64
N LEU A 28 -8.69 -27.03 18.62
CA LEU A 28 -9.96 -26.82 17.97
C LEU A 28 -11.09 -27.65 18.59
N VAL A 29 -10.74 -28.72 19.33
CA VAL A 29 -11.71 -29.58 19.99
C VAL A 29 -12.64 -30.20 18.96
N LYS A 30 -12.02 -30.85 17.97
CA LYS A 30 -12.73 -31.58 16.94
C LYS A 30 -12.08 -32.94 16.74
N ASP A 31 -12.78 -33.84 16.06
CA ASP A 31 -12.14 -35.03 15.47
C ASP A 31 -12.47 -35.02 13.98
N ARG A 32 -11.87 -35.96 13.25
CA ARG A 32 -11.92 -35.93 11.78
C ARG A 32 -13.28 -36.27 11.17
N ASN A 33 -14.24 -36.71 11.97
CA ASN A 33 -15.60 -36.94 11.45
C ASN A 33 -16.42 -35.67 11.36
N VAL A 34 -16.05 -34.64 12.10
CA VAL A 34 -16.81 -33.39 12.09
C VAL A 34 -16.03 -32.17 11.56
N ALA A 35 -14.73 -32.32 11.34
CA ALA A 35 -13.88 -31.21 10.91
C ALA A 35 -14.23 -30.75 9.50
N THR A 36 -14.37 -29.43 9.32
CA THR A 36 -14.54 -28.82 8.00
C THR A 36 -13.20 -28.35 7.48
N PRO A 37 -13.14 -27.98 6.19
CA PRO A 37 -11.88 -27.41 5.70
C PRO A 37 -11.37 -26.25 6.55
N ARG A 38 -12.27 -25.45 7.13
CA ARG A 38 -11.86 -24.32 7.97
C ARG A 38 -11.14 -24.79 9.23
N ASP A 39 -11.62 -25.87 9.83
CA ASP A 39 -10.92 -26.50 10.95
C ASP A 39 -9.53 -26.94 10.55
N TYR A 40 -9.40 -27.50 9.34
CA TYR A 40 -8.11 -27.99 8.90
C TYR A 40 -7.17 -26.82 8.64
N TYR A 41 -7.67 -25.72 8.06
CA TYR A 41 -6.87 -24.50 7.94
C TYR A 41 -6.31 -24.08 9.31
N PHE A 42 -7.18 -23.98 10.33
CA PHE A 42 -6.73 -23.53 11.64
C PHE A 42 -5.70 -24.47 12.27
N ALA A 43 -5.87 -25.77 12.08
CA ALA A 43 -4.92 -26.72 12.66
C ALA A 43 -3.56 -26.49 12.01
N LEU A 44 -3.56 -26.29 10.69
CA LEU A 44 -2.30 -25.97 9.99
C LEU A 44 -1.67 -24.68 10.50
N ALA A 45 -2.48 -23.61 10.61
CA ALA A 45 -1.95 -22.31 11.04
C ALA A 45 -1.34 -22.36 12.42
N HIS A 46 -2.02 -23.04 13.37
CA HIS A 46 -1.44 -23.18 14.70
C HIS A 46 -0.13 -23.97 14.66
N THR A 47 -0.06 -24.95 13.77
CA THR A 47 1.13 -25.82 13.66
C THR A 47 2.33 -24.97 13.17
N VAL A 48 2.08 -24.14 12.17
CA VAL A 48 3.13 -23.28 11.64
C VAL A 48 3.52 -22.16 12.61
N ARG A 49 2.52 -21.60 13.30
CA ARG A 49 2.77 -20.59 14.31
C ARG A 49 3.68 -21.10 15.41
N ASP A 50 3.51 -22.35 15.82
CA ASP A 50 4.41 -22.92 16.81
C ASP A 50 5.88 -22.80 16.43
N HIS A 51 6.21 -22.96 15.15
CA HIS A 51 7.61 -22.78 14.68
C HIS A 51 8.16 -21.38 14.79
N LEU A 52 7.28 -20.39 14.83
CA LEU A 52 7.68 -18.99 15.01
C LEU A 52 8.10 -18.65 16.43
N VAL A 53 7.44 -19.26 17.43
CA VAL A 53 7.46 -18.65 18.77
C VAL A 53 8.85 -18.67 19.39
N GLY A 54 9.58 -19.76 19.18
CA GLY A 54 10.92 -19.86 19.74
C GLY A 54 11.83 -18.78 19.19
N ARG A 55 11.77 -18.58 17.88
CA ARG A 55 12.57 -17.53 17.21
C ARG A 55 12.12 -16.12 17.64
N TRP A 56 10.81 -15.93 17.79
CA TRP A 56 10.26 -14.66 18.26
C TRP A 56 10.80 -14.30 19.64
N ILE A 57 10.76 -15.24 20.58
CA ILE A 57 11.24 -14.99 21.93
C ILE A 57 12.75 -14.70 21.95
N ARG A 58 13.53 -15.49 21.20
CA ARG A 58 14.98 -15.29 21.22
C ARG A 58 15.40 -14.06 20.41
N THR A 59 14.67 -13.69 19.36
CA THR A 59 14.93 -12.40 18.71
C THR A 59 14.76 -11.24 19.70
N GLN A 60 13.63 -11.18 20.37
CA GLN A 60 13.40 -10.07 21.31
C GLN A 60 14.37 -10.09 22.50
N GLN A 61 14.76 -11.29 22.94
CA GLN A 61 15.82 -11.43 23.96
C GLN A 61 17.15 -10.90 23.43
N HIS A 62 17.48 -11.24 22.19
CA HIS A 62 18.69 -10.74 21.53
C HIS A 62 18.73 -9.21 21.53
N TYR A 63 17.63 -8.56 21.16
CA TYR A 63 17.60 -7.10 21.15
C TYR A 63 17.76 -6.54 22.56
N TYR A 64 17.21 -7.20 23.56
CA TYR A 64 17.41 -6.75 24.94
C TYR A 64 18.90 -6.77 25.35
N GLU A 65 19.63 -7.80 24.95
CA GLU A 65 21.04 -7.98 25.33
C GLU A 65 21.96 -7.02 24.59
N LYS A 66 21.81 -6.98 23.27
CA LYS A 66 22.67 -6.15 22.42
C LYS A 66 22.31 -4.65 22.44
N ASP A 67 21.08 -4.33 22.83
CA ASP A 67 20.58 -2.93 22.86
C ASP A 67 20.91 -2.09 21.60
N PRO A 68 20.51 -2.58 20.40
CA PRO A 68 20.76 -1.81 19.18
C PRO A 68 19.82 -0.61 19.10
N LYS A 69 20.11 0.31 18.19
CA LYS A 69 19.16 1.37 17.88
C LYS A 69 17.88 0.73 17.36
N ARG A 70 16.74 1.17 17.88
CA ARG A 70 15.45 0.59 17.50
C ARG A 70 14.73 1.48 16.50
N ILE A 71 14.13 0.88 15.48
CA ILE A 71 13.37 1.62 14.46
C ILE A 71 11.87 1.44 14.70
N TYR A 72 11.15 2.54 14.83
CA TYR A 72 9.71 2.50 15.02
C TYR A 72 9.03 3.08 13.81
N TYR A 73 8.31 2.23 13.09
CA TYR A 73 7.65 2.60 11.86
C TYR A 73 6.17 2.83 12.19
N LEU A 74 5.75 4.09 12.24
CA LEU A 74 4.38 4.47 12.63
C LEU A 74 3.51 4.64 11.39
N SER A 75 2.42 3.88 11.32
CA SER A 75 1.51 3.94 10.19
C SER A 75 0.09 3.65 10.64
N LEU A 76 -0.87 4.35 10.03
CA LEU A 76 -2.28 4.10 10.28
C LEU A 76 -2.77 2.91 9.47
N GLU A 77 -1.90 2.39 8.60
CA GLU A 77 -2.29 1.31 7.70
C GLU A 77 -1.18 0.27 7.59
N PHE A 78 -1.57 -1.01 7.68
CA PHE A 78 -0.65 -2.13 7.39
C PHE A 78 -1.45 -3.13 6.57
N TYR A 79 -1.22 -3.15 5.26
CA TYR A 79 -2.03 -3.95 4.36
C TYR A 79 -1.36 -5.31 4.16
N MET A 80 -1.61 -6.24 5.09
CA MET A 80 -0.77 -7.43 5.24
C MET A 80 -1.17 -8.58 4.34
N GLY A 81 -2.46 -8.68 4.02
CA GLY A 81 -3.01 -9.81 3.29
C GLY A 81 -2.99 -11.07 4.15
N ARG A 82 -2.81 -12.23 3.52
CA ARG A 82 -2.71 -13.48 4.26
C ARG A 82 -1.31 -13.74 4.77
N THR A 83 -1.26 -14.50 5.86
CA THR A 83 -0.04 -14.78 6.61
C THR A 83 0.50 -16.23 6.48
N LEU A 84 -0.34 -17.21 6.17
CA LEU A 84 0.09 -18.61 6.30
C LEU A 84 1.22 -18.96 5.34
N GLN A 85 1.00 -18.72 4.06
CA GLN A 85 1.99 -19.08 3.05
C GLN A 85 3.25 -18.25 3.22
N ASN A 86 3.08 -16.96 3.49
CA ASN A 86 4.26 -16.12 3.75
C ASN A 86 5.15 -16.65 4.87
N THR A 87 4.53 -17.16 5.91
CA THR A 87 5.27 -17.68 7.06
C THR A 87 6.03 -18.97 6.66
N MET A 88 5.38 -19.84 5.90
CA MET A 88 6.00 -21.07 5.40
C MET A 88 7.18 -20.75 4.52
N VAL A 89 6.98 -19.81 3.60
CA VAL A 89 8.08 -19.41 2.71
C VAL A 89 9.28 -18.93 3.52
N ASN A 90 9.04 -18.03 4.47
CA ASN A 90 10.15 -17.41 5.21
C ASN A 90 10.86 -18.35 6.19
N LEU A 91 10.20 -19.45 6.54
CA LEU A 91 10.77 -20.45 7.47
C LEU A 91 11.25 -21.73 6.74
N ALA A 92 11.03 -21.81 5.43
CA ALA A 92 11.47 -22.92 4.60
C ALA A 92 10.68 -24.20 4.88
N LEU A 93 9.37 -24.03 5.08
CA LEU A 93 8.47 -25.10 5.51
C LEU A 93 7.43 -25.48 4.48
N GLU A 94 7.41 -24.79 3.33
CA GLU A 94 6.33 -24.96 2.37
C GLU A 94 6.19 -26.41 1.86
N ASN A 95 7.31 -27.01 1.47
CA ASN A 95 7.25 -28.38 0.91
C ASN A 95 6.96 -29.42 1.99
N ALA A 96 7.49 -29.21 3.19
CA ALA A 96 7.23 -30.10 4.32
C ALA A 96 5.76 -30.07 4.67
N CYS A 97 5.17 -28.88 4.77
CA CYS A 97 3.74 -28.77 5.05
C CYS A 97 2.90 -29.33 3.91
N ASP A 98 3.33 -29.10 2.67
CA ASP A 98 2.65 -29.67 1.51
C ASP A 98 2.64 -31.21 1.58
N GLU A 99 3.79 -31.80 1.87
CA GLU A 99 3.91 -33.26 2.04
C GLU A 99 3.05 -33.76 3.22
N ALA A 100 3.22 -33.14 4.38
CA ALA A 100 2.49 -33.51 5.60
C ALA A 100 0.98 -33.50 5.39
N THR A 101 0.47 -32.45 4.75
CA THR A 101 -0.96 -32.32 4.48
C THR A 101 -1.45 -33.32 3.41
N TYR A 102 -0.65 -33.50 2.36
CA TYR A 102 -0.90 -34.54 1.36
C TYR A 102 -1.10 -35.93 2.01
N GLN A 103 -0.18 -36.29 2.89
CA GLN A 103 -0.27 -37.57 3.62
C GLN A 103 -1.48 -37.69 4.55
N LEU A 104 -2.01 -36.54 5.00
CA LEU A 104 -3.21 -36.52 5.82
C LEU A 104 -4.47 -36.51 4.96
N GLY A 105 -4.30 -36.54 3.64
CA GLY A 105 -5.44 -36.55 2.71
C GLY A 105 -5.99 -35.17 2.39
N LEU A 106 -5.16 -34.14 2.53
CA LEU A 106 -5.61 -32.75 2.37
C LEU A 106 -4.78 -31.99 1.35
N ASP A 107 -5.44 -31.07 0.63
CA ASP A 107 -4.80 -30.20 -0.34
C ASP A 107 -4.51 -28.83 0.30
N MET A 108 -3.23 -28.50 0.42
CA MET A 108 -2.80 -27.33 1.15
C MET A 108 -3.28 -26.04 0.48
N GLU A 109 -3.30 -26.00 -0.86
CA GLU A 109 -3.71 -24.78 -1.57
C GLU A 109 -5.15 -24.42 -1.28
N GLU A 110 -5.97 -25.45 -1.11
CA GLU A 110 -7.39 -25.30 -0.78
C GLU A 110 -7.56 -24.74 0.64
N LEU A 111 -6.78 -25.24 1.58
CA LEU A 111 -6.73 -24.70 2.95
C LEU A 111 -6.24 -23.24 2.96
N GLU A 112 -5.25 -22.92 2.14
CA GLU A 112 -4.76 -21.53 2.06
C GLU A 112 -5.86 -20.53 1.66
N GLU A 113 -6.76 -20.93 0.77
CA GLU A 113 -7.86 -20.06 0.34
C GLU A 113 -8.87 -19.70 1.43
N ILE A 114 -8.83 -20.39 2.56
CA ILE A 114 -9.77 -20.10 3.67
C ILE A 114 -9.38 -18.90 4.51
N GLU A 115 -8.08 -18.59 4.58
CA GLU A 115 -7.62 -17.49 5.39
C GLU A 115 -8.18 -16.14 4.88
N GLU A 116 -8.66 -15.31 5.80
CA GLU A 116 -9.07 -13.94 5.49
C GLU A 116 -7.84 -13.07 5.28
N ASP A 117 -7.89 -12.15 4.33
CA ASP A 117 -6.88 -11.06 4.29
C ASP A 117 -6.92 -10.21 5.54
N ALA A 118 -5.76 -9.84 6.07
CA ALA A 118 -5.73 -8.72 6.99
C ALA A 118 -5.70 -7.44 6.12
N GLY A 119 -6.88 -6.88 5.89
CA GLY A 119 -7.07 -5.74 5.00
C GLY A 119 -7.05 -4.41 5.74
N LEU A 120 -5.99 -4.19 6.52
CA LEU A 120 -5.85 -2.99 7.34
C LEU A 120 -5.20 -1.83 6.57
N GLY A 121 -5.58 -1.67 5.31
CA GLY A 121 -5.08 -0.57 4.48
C GLY A 121 -5.92 -0.37 3.23
N ASN A 122 -5.68 0.76 2.56
CA ASN A 122 -6.44 1.15 1.39
C ASN A 122 -5.79 0.73 0.06
N GLY A 123 -4.48 0.82 -0.01
CA GLY A 123 -3.76 0.52 -1.26
C GLY A 123 -2.28 0.69 -1.04
N GLY A 124 -1.67 1.58 -1.84
CA GLY A 124 -0.22 1.68 -1.95
C GLY A 124 0.54 1.95 -0.67
N LEU A 125 0.08 2.96 0.07
CA LEU A 125 0.75 3.37 1.30
C LEU A 125 0.70 2.26 2.38
N GLY A 126 -0.43 1.58 2.46
CA GLY A 126 -0.62 0.49 3.40
C GLY A 126 0.19 -0.74 3.03
N ARG A 127 0.22 -1.06 1.74
CA ARG A 127 1.01 -2.21 1.30
C ARG A 127 2.50 -1.97 1.39
N LEU A 128 2.94 -0.73 1.19
CA LEU A 128 4.34 -0.36 1.36
C LEU A 128 4.80 -0.63 2.78
N ALA A 129 3.97 -0.28 3.75
CA ALA A 129 4.29 -0.54 5.14
C ALA A 129 4.47 -2.05 5.34
N ALA A 130 3.66 -2.87 4.67
CA ALA A 130 3.76 -4.32 4.84
C ALA A 130 5.04 -4.90 4.24
N CYS A 131 5.34 -4.48 3.02
CA CYS A 131 6.59 -4.83 2.34
C CYS A 131 7.77 -4.41 3.18
N PHE A 132 7.71 -3.23 3.75
CA PHE A 132 8.78 -2.71 4.58
C PHE A 132 9.05 -3.55 5.84
N LEU A 133 8.00 -4.02 6.52
CA LEU A 133 8.23 -4.87 7.70
C LEU A 133 8.99 -6.17 7.32
N ASP A 134 8.59 -6.76 6.18
CA ASP A 134 9.23 -7.96 5.67
C ASP A 134 10.73 -7.69 5.40
N SER A 135 11.03 -6.59 4.71
CA SER A 135 12.42 -6.26 4.41
C SER A 135 13.22 -5.91 5.66
N MET A 136 12.62 -5.20 6.61
CA MET A 136 13.37 -4.86 7.84
C MET A 136 13.78 -6.10 8.66
N ALA A 137 12.89 -7.09 8.72
CA ALA A 137 13.18 -8.37 9.38
C ALA A 137 14.24 -9.15 8.63
N THR A 138 14.10 -9.19 7.31
CA THR A 138 15.05 -9.87 6.44
C THR A 138 16.46 -9.24 6.53
N LEU A 139 16.53 -7.94 6.83
CA LEU A 139 17.80 -7.25 6.95
C LEU A 139 18.29 -7.11 8.37
N GLY A 140 17.67 -7.83 9.30
CA GLY A 140 18.16 -7.90 10.67
C GLY A 140 18.06 -6.64 11.48
N LEU A 141 17.13 -5.76 11.13
CA LEU A 141 16.96 -4.50 11.86
C LEU A 141 16.02 -4.70 13.05
N ALA A 142 16.33 -4.02 14.14
CA ALA A 142 15.54 -4.11 15.36
C ALA A 142 14.32 -3.18 15.22
N ALA A 143 13.36 -3.61 14.41
CA ALA A 143 12.27 -2.73 13.94
C ALA A 143 10.92 -3.20 14.47
N TYR A 144 10.07 -2.22 14.75
CA TYR A 144 8.71 -2.45 15.24
C TYR A 144 7.74 -1.66 14.38
N GLY A 145 6.70 -2.31 13.90
CA GLY A 145 5.62 -1.61 13.23
C GLY A 145 4.53 -1.30 14.24
N TYR A 146 4.04 -0.07 14.27
CA TYR A 146 2.98 0.32 15.21
C TYR A 146 1.81 0.91 14.46
N GLY A 147 0.61 0.41 14.76
CA GLY A 147 -0.60 0.89 14.16
C GLY A 147 -1.83 0.59 15.03
N ILE A 148 -2.96 0.48 14.34
CA ILE A 148 -4.27 0.26 14.97
C ILE A 148 -4.84 -1.05 14.51
N ARG A 149 -5.39 -1.81 15.45
CA ARG A 149 -6.09 -3.05 15.14
C ARG A 149 -7.53 -2.71 14.86
N TYR A 150 -7.82 -2.45 13.59
CA TYR A 150 -9.16 -2.16 13.19
C TYR A 150 -9.96 -3.45 13.26
N GLU A 151 -11.13 -3.35 13.86
CA GLU A 151 -12.07 -4.44 13.88
C GLU A 151 -12.62 -4.72 12.48
N PHE A 152 -12.79 -3.66 11.69
CA PHE A 152 -13.20 -3.77 10.30
C PHE A 152 -12.19 -3.05 9.40
N GLY A 153 -11.57 -3.80 8.51
CA GLY A 153 -10.61 -3.27 7.54
C GLY A 153 -11.33 -2.70 6.34
N ILE A 154 -10.64 -2.67 5.20
CA ILE A 154 -11.21 -2.12 3.97
C ILE A 154 -12.46 -2.97 3.60
N PHE A 155 -13.55 -2.33 3.28
CA PHE A 155 -14.79 -3.01 2.94
C PHE A 155 -14.65 -4.02 1.79
N ASN A 156 -15.44 -5.08 1.86
CA ASN A 156 -15.59 -6.02 0.75
C ASN A 156 -16.50 -5.37 -0.27
N GLN A 157 -16.07 -5.42 -1.51
CA GLN A 157 -16.80 -4.83 -2.62
C GLN A 157 -17.62 -5.89 -3.34
N LYS A 158 -18.93 -5.68 -3.45
CA LYS A 158 -19.78 -6.50 -4.29
C LYS A 158 -20.22 -5.60 -5.42
N ILE A 159 -20.38 -6.16 -6.63
CA ILE A 159 -20.96 -5.44 -7.75
C ILE A 159 -22.41 -5.91 -7.94
N CYS A 160 -23.37 -4.99 -7.79
CA CYS A 160 -24.80 -5.30 -7.98
C CYS A 160 -25.36 -4.41 -9.06
N GLY A 161 -25.79 -5.01 -10.16
CA GLY A 161 -26.35 -4.27 -11.29
C GLY A 161 -25.33 -3.35 -11.93
N GLY A 162 -24.07 -3.75 -11.88
CA GLY A 162 -22.96 -2.92 -12.33
C GLY A 162 -22.50 -1.84 -11.37
N TRP A 163 -23.10 -1.75 -10.18
CA TRP A 163 -22.74 -0.75 -9.19
C TRP A 163 -21.96 -1.35 -8.01
N GLN A 164 -20.98 -0.61 -7.45
CA GLN A 164 -20.31 -1.02 -6.22
C GLN A 164 -21.28 -0.98 -5.04
N MET A 165 -21.29 -2.04 -4.24
CA MET A 165 -21.93 -2.05 -2.93
C MET A 165 -20.81 -2.37 -1.94
N GLU A 166 -20.87 -1.76 -0.76
CA GLU A 166 -19.86 -1.99 0.27
C GLU A 166 -20.44 -2.89 1.33
N GLU A 167 -19.68 -3.88 1.77
CA GLU A 167 -20.04 -4.54 3.01
C GLU A 167 -18.87 -4.70 3.95
N ALA A 168 -19.22 -4.78 5.23
CA ALA A 168 -18.25 -4.77 6.31
C ALA A 168 -17.32 -5.96 6.19
N ASP A 169 -16.03 -5.68 6.38
CA ASP A 169 -14.98 -6.69 6.35
C ASP A 169 -14.77 -7.19 7.78
N ASP A 170 -15.60 -8.15 8.19
CA ASP A 170 -15.58 -8.69 9.55
C ASP A 170 -14.49 -9.77 9.62
N TRP A 171 -13.25 -9.33 9.50
CA TRP A 171 -12.12 -10.26 9.29
C TRP A 171 -11.73 -11.08 10.53
N LEU A 172 -12.21 -10.68 11.70
CA LEU A 172 -11.89 -11.36 12.95
C LEU A 172 -12.97 -12.36 13.38
N ARG A 173 -13.99 -12.57 12.55
CA ARG A 173 -15.15 -13.39 12.95
C ARG A 173 -14.75 -14.79 13.46
N TYR A 174 -13.81 -15.42 12.76
CA TYR A 174 -13.39 -16.78 13.08
C TYR A 174 -12.16 -16.81 13.98
N GLY A 175 -11.65 -15.62 14.35
CA GLY A 175 -10.45 -15.53 15.14
C GLY A 175 -9.22 -15.35 14.27
N ASN A 176 -8.17 -14.80 14.85
CA ASN A 176 -6.91 -14.56 14.17
C ASN A 176 -5.82 -15.32 14.90
N PRO A 177 -5.34 -16.43 14.32
CA PRO A 177 -4.36 -17.23 15.02
C PRO A 177 -2.98 -16.60 15.13
N TRP A 178 -2.71 -15.56 14.35
CA TRP A 178 -1.37 -14.98 14.31
C TRP A 178 -1.09 -14.00 15.44
N GLU A 179 -2.11 -13.31 15.94
CA GLU A 179 -1.90 -12.30 16.97
C GLU A 179 -1.86 -12.88 18.38
N LYS A 180 -1.14 -12.18 19.27
CA LYS A 180 -1.17 -12.45 20.70
C LYS A 180 -1.57 -11.19 21.44
N ALA A 181 -2.70 -11.23 22.13
CA ALA A 181 -3.17 -10.12 22.98
C ALA A 181 -2.20 -9.95 24.12
N ARG A 182 -1.87 -8.71 24.43
CA ARG A 182 -0.99 -8.43 25.55
C ARG A 182 -1.65 -7.43 26.53
N PRO A 183 -2.81 -7.80 27.11
CA PRO A 183 -3.58 -6.90 28.04
C PRO A 183 -2.77 -6.34 29.21
N GLU A 184 -1.74 -7.07 29.60
CA GLU A 184 -0.82 -6.63 30.64
C GLU A 184 0.06 -5.42 30.28
N PHE A 185 0.15 -5.05 29.00
CA PHE A 185 0.89 -3.85 28.59
C PHE A 185 -0.04 -2.68 28.17
N THR A 186 -1.26 -2.69 28.70
CA THR A 186 -2.27 -1.68 28.41
C THR A 186 -1.86 -0.33 28.94
N LEU A 187 -2.19 0.73 28.19
CA LEU A 187 -1.68 2.08 28.46
C LEU A 187 -2.83 3.09 28.33
N PRO A 188 -2.84 4.14 29.16
CA PRO A 188 -3.89 5.16 29.06
C PRO A 188 -3.58 6.22 28.01
N VAL A 189 -4.62 6.67 27.31
CA VAL A 189 -4.53 7.74 26.32
C VAL A 189 -5.57 8.77 26.72
N HIS A 190 -5.19 10.05 26.68
CA HIS A 190 -6.02 11.16 27.15
C HIS A 190 -6.61 11.98 26.03
N PHE A 191 -7.84 12.45 26.23
CA PHE A 191 -8.56 13.30 25.28
C PHE A 191 -9.30 14.41 26.04
N TYR A 192 -9.61 15.48 25.31
CA TYR A 192 -10.39 16.63 25.80
C TYR A 192 -9.64 17.34 26.94
N GLY A 193 -10.35 17.73 28.00
CA GLY A 193 -9.71 18.39 29.15
C GLY A 193 -9.34 19.84 28.89
N ARG A 194 -8.40 20.35 29.69
CA ARG A 194 -7.99 21.75 29.56
C ARG A 194 -6.61 21.88 30.13
N VAL A 195 -5.95 23.00 29.84
CA VAL A 195 -4.58 23.24 30.30
C VAL A 195 -4.57 24.21 31.50
N GLU A 196 -3.88 23.81 32.58
CA GLU A 196 -3.60 24.71 33.70
C GLU A 196 -2.15 25.09 33.71
N HIS A 197 -1.85 26.36 33.94
CA HIS A 197 -0.47 26.82 34.10
C HIS A 197 -0.15 27.00 35.56
N THR A 198 0.95 26.40 36.00
CA THR A 198 1.43 26.54 37.37
C THR A 198 2.79 27.23 37.36
N SER A 199 3.43 27.28 38.52
CA SER A 199 4.82 27.74 38.62
C SER A 199 5.75 26.68 38.02
N GLN A 200 5.38 25.41 38.20
CA GLN A 200 6.15 24.29 37.65
C GLN A 200 5.50 23.86 36.32
N GLY A 201 5.39 24.78 35.38
CA GLY A 201 4.92 24.48 34.02
C GLY A 201 3.44 24.18 33.83
N ALA A 202 3.10 23.77 32.61
CA ALA A 202 1.72 23.45 32.23
C ALA A 202 1.31 22.04 32.67
N LYS A 203 0.02 21.86 32.87
CA LYS A 203 -0.55 20.56 33.24
C LYS A 203 -1.84 20.39 32.47
N TRP A 204 -2.01 19.20 31.89
CA TRP A 204 -3.20 18.88 31.10
C TRP A 204 -4.14 18.11 32.01
N VAL A 205 -5.30 18.67 32.32
CA VAL A 205 -6.17 18.12 33.37
C VAL A 205 -7.61 17.93 32.88
N ASP A 206 -8.40 17.23 33.71
CA ASP A 206 -9.84 16.97 33.48
C ASP A 206 -10.08 16.21 32.18
N THR A 207 -9.17 15.30 31.85
CA THR A 207 -9.24 14.58 30.57
C THR A 207 -10.14 13.34 30.66
N GLN A 208 -10.64 12.92 29.51
CA GLN A 208 -11.26 11.60 29.35
C GLN A 208 -10.18 10.60 29.02
N VAL A 209 -10.27 9.40 29.61
CA VAL A 209 -9.27 8.35 29.42
C VAL A 209 -9.83 7.23 28.55
N VAL A 210 -9.07 6.85 27.53
CA VAL A 210 -9.31 5.64 26.79
C VAL A 210 -8.06 4.73 26.95
N LEU A 211 -8.28 3.44 27.11
CA LEU A 211 -7.16 2.50 27.23
C LEU A 211 -6.71 1.94 25.86
N ALA A 212 -5.41 1.78 25.69
CA ALA A 212 -4.84 1.18 24.49
C ALA A 212 -4.28 -0.19 24.85
N MET A 213 -4.91 -1.24 24.33
CA MET A 213 -4.48 -2.61 24.56
C MET A 213 -3.72 -3.14 23.35
N PRO A 214 -2.48 -3.62 23.54
CA PRO A 214 -1.72 -4.08 22.37
C PRO A 214 -1.96 -5.51 21.96
N TYR A 215 -1.95 -5.75 20.67
CA TYR A 215 -1.90 -7.09 20.09
C TYR A 215 -0.65 -7.22 19.22
N ASP A 216 0.19 -8.22 19.51
CA ASP A 216 1.45 -8.43 18.79
C ASP A 216 1.33 -9.54 17.75
N THR A 217 1.82 -9.24 16.55
CA THR A 217 1.86 -10.19 15.47
C THR A 217 3.33 -10.39 15.05
N PRO A 218 3.75 -11.64 14.85
CA PRO A 218 5.12 -11.92 14.43
C PRO A 218 5.37 -11.60 12.95
N VAL A 219 6.54 -11.01 12.67
CA VAL A 219 7.00 -10.71 11.31
C VAL A 219 8.33 -11.45 11.02
N PRO A 220 8.27 -12.61 10.37
CA PRO A 220 9.52 -13.35 10.20
C PRO A 220 10.40 -12.85 9.05
N GLY A 221 11.72 -12.79 9.25
CA GLY A 221 12.65 -12.54 8.15
C GLY A 221 12.76 -13.75 7.23
N TYR A 222 13.35 -13.56 6.04
CA TYR A 222 13.56 -14.67 5.12
C TYR A 222 14.77 -15.53 5.54
N ARG A 223 14.47 -16.69 6.14
CA ARG A 223 15.46 -17.73 6.50
C ARG A 223 16.67 -17.24 7.29
N ASN A 224 16.44 -16.25 8.12
CA ASN A 224 17.49 -15.76 8.99
C ASN A 224 17.19 -15.91 10.48
N ASN A 225 16.08 -16.60 10.79
CA ASN A 225 15.58 -16.77 12.17
C ASN A 225 15.28 -15.49 12.95
N VAL A 226 15.17 -14.36 12.26
CA VAL A 226 14.73 -13.12 12.90
C VAL A 226 13.21 -13.10 12.85
N VAL A 227 12.58 -12.77 13.98
CA VAL A 227 11.14 -12.53 14.02
C VAL A 227 10.90 -11.25 14.81
N ASN A 228 10.46 -10.23 14.07
CA ASN A 228 10.19 -8.92 14.62
C ASN A 228 8.71 -8.83 14.96
N THR A 229 8.29 -7.69 15.50
CA THR A 229 6.93 -7.52 16.02
C THR A 229 6.20 -6.39 15.33
N MET A 230 4.94 -6.63 15.00
CA MET A 230 4.01 -5.57 14.64
C MET A 230 3.02 -5.46 15.80
N ARG A 231 2.99 -4.29 16.44
CA ARG A 231 2.12 -4.06 17.60
C ARG A 231 0.96 -3.14 17.19
N LEU A 232 -0.27 -3.67 17.24
CA LEU A 232 -1.45 -2.92 16.88
C LEU A 232 -2.31 -2.65 18.14
N TRP A 233 -2.76 -1.42 18.29
CA TRP A 233 -3.47 -1.01 19.48
C TRP A 233 -4.97 -1.13 19.27
N SER A 234 -5.65 -1.61 20.32
CA SER A 234 -7.11 -1.73 20.38
C SER A 234 -7.63 -0.85 21.54
N ALA A 235 -8.73 -0.16 21.30
CA ALA A 235 -9.29 0.81 22.24
C ALA A 235 -10.21 0.13 23.23
N LYS A 236 -10.02 0.38 24.52
CA LYS A 236 -10.87 -0.18 25.56
C LYS A 236 -11.30 0.92 26.54
N ALA A 237 -12.52 0.85 27.03
CA ALA A 237 -12.99 1.81 28.02
C ALA A 237 -12.48 1.42 29.40
N PRO A 238 -12.13 2.40 30.25
CA PRO A 238 -11.84 2.04 31.65
C PRO A 238 -13.11 1.56 32.38
N ASN A 239 -12.97 0.80 33.47
CA ASN A 239 -14.15 0.14 34.09
C ASN A 239 -15.07 0.99 34.96
N ASP A 240 -14.58 2.16 35.37
CA ASP A 240 -15.43 3.19 35.97
C ASP A 240 -16.02 4.17 34.93
N PHE A 241 -15.80 3.91 33.63
CA PHE A 241 -16.27 4.79 32.54
C PHE A 241 -17.78 5.02 32.60
N ASN A 242 -18.17 6.30 32.61
CA ASN A 242 -19.55 6.75 32.88
C ASN A 242 -20.04 6.46 34.31
N LEU A 243 -19.28 5.65 35.07
CA LEU A 243 -19.71 5.10 36.37
C LEU A 243 -18.98 5.74 37.55
N GLY A 249 -30.81 4.80 31.06
CA GLY A 249 -31.06 3.70 31.99
C GLY A 249 -30.40 3.92 33.34
N GLY A 250 -29.45 4.86 33.41
CA GLY A 250 -28.52 4.91 34.51
C GLY A 250 -27.50 3.81 34.28
N TYR A 251 -27.61 2.72 35.04
CA TYR A 251 -26.56 1.70 35.08
C TYR A 251 -26.37 1.02 33.72
N ILE A 252 -27.47 0.55 33.13
CA ILE A 252 -27.42 -0.20 31.87
C ILE A 252 -26.83 0.68 30.76
N GLN A 253 -27.32 1.91 30.67
CA GLN A 253 -26.88 2.85 29.65
C GLN A 253 -25.41 3.21 29.81
N ALA A 254 -24.92 3.33 31.04
CA ALA A 254 -23.49 3.63 31.26
C ALA A 254 -22.61 2.49 30.71
N VAL A 255 -23.07 1.25 30.87
CA VAL A 255 -22.34 0.10 30.35
C VAL A 255 -22.39 0.09 28.83
N LEU A 256 -23.56 0.39 28.26
CA LEU A 256 -23.69 0.40 26.81
C LEU A 256 -22.89 1.52 26.15
N ASP A 257 -22.69 2.63 26.86
CA ASP A 257 -21.94 3.78 26.35
C ASP A 257 -20.44 3.56 26.29
N ARG A 258 -19.96 2.42 26.78
CA ARG A 258 -18.56 2.06 26.61
C ARG A 258 -18.17 1.99 25.12
N ASN A 259 -19.13 1.64 24.28
CA ASN A 259 -18.97 1.68 22.82
C ASN A 259 -18.38 2.97 22.28
N LEU A 260 -18.78 4.09 22.86
CA LEU A 260 -18.26 5.38 22.42
C LEU A 260 -16.73 5.41 22.41
N ALA A 261 -16.10 4.98 23.49
CA ALA A 261 -14.64 4.96 23.57
C ALA A 261 -14.05 3.92 22.62
N GLU A 262 -14.71 2.77 22.51
CA GLU A 262 -14.14 1.64 21.80
C GLU A 262 -14.28 1.81 20.30
N ASN A 263 -15.14 2.73 19.87
CA ASN A 263 -15.27 3.09 18.46
C ASN A 263 -14.00 3.61 17.81
N ILE A 264 -13.02 4.05 18.60
CA ILE A 264 -11.76 4.55 18.06
C ILE A 264 -11.08 3.55 17.13
N SER A 265 -11.07 2.28 17.52
CA SER A 265 -10.39 1.25 16.74
C SER A 265 -11.34 0.37 15.93
N ARG A 266 -12.54 0.85 15.66
CA ARG A 266 -13.57 0.02 15.05
C ARG A 266 -13.38 -0.15 13.56
N VAL A 267 -13.04 0.93 12.84
CA VAL A 267 -13.07 0.88 11.38
C VAL A 267 -12.01 1.77 10.69
N LEU A 268 -11.42 1.21 9.65
CA LEU A 268 -10.48 1.92 8.79
C LEU A 268 -11.22 2.93 7.93
N TYR A 269 -10.75 4.17 7.91
CA TYR A 269 -11.25 5.16 6.94
C TYR A 269 -10.83 4.76 5.52
N PRO A 270 -11.80 4.62 4.62
CA PRO A 270 -11.53 4.11 3.28
C PRO A 270 -11.25 5.19 2.20
N ASN A 271 -11.07 6.43 2.58
CA ASN A 271 -11.02 7.52 1.61
C ASN A 271 -9.57 7.96 1.41
N ASP A 272 -8.90 7.34 0.44
CA ASP A 272 -7.43 7.37 0.31
C ASP A 272 -6.74 8.43 -0.58
N ASN A 273 -7.48 9.25 -1.33
CA ASN A 273 -6.89 10.49 -1.82
C ASN A 273 -7.90 11.64 -1.81
N PHE A 274 -8.70 11.65 -0.73
CA PHE A 274 -9.38 12.83 -0.28
C PHE A 274 -9.04 12.95 1.21
N PHE A 275 -9.05 14.19 1.71
CA PHE A 275 -8.93 14.42 3.15
C PHE A 275 -10.29 14.83 3.68
N GLU A 276 -10.77 14.13 4.69
CA GLU A 276 -11.98 14.50 5.39
C GLU A 276 -11.59 14.77 6.84
N GLY A 277 -11.85 15.99 7.30
CA GLY A 277 -11.50 16.38 8.66
C GLY A 277 -12.54 15.92 9.66
N LYS A 278 -12.58 14.62 9.95
CA LYS A 278 -13.56 14.08 10.88
C LYS A 278 -12.94 13.82 12.25
N GLU A 279 -13.67 14.16 13.32
CA GLU A 279 -13.16 14.01 14.68
C GLU A 279 -12.70 12.59 14.97
N LEU A 280 -13.47 11.60 14.56
CA LEU A 280 -13.13 10.22 14.86
C LEU A 280 -11.74 9.85 14.25
N ARG A 281 -11.45 10.33 13.05
CA ARG A 281 -10.12 10.09 12.44
C ARG A 281 -8.99 10.76 13.23
N LEU A 282 -9.24 11.97 13.73
CA LEU A 282 -8.25 12.66 14.56
C LEU A 282 -8.00 11.87 15.84
N LYS A 283 -9.05 11.33 16.46
CA LYS A 283 -8.87 10.46 17.62
C LYS A 283 -8.00 9.25 17.32
N GLN A 284 -8.22 8.64 16.17
CA GLN A 284 -7.40 7.48 15.76
C GLN A 284 -5.95 7.87 15.64
N GLU A 285 -5.69 9.00 15.02
CA GLU A 285 -4.34 9.48 14.82
C GLU A 285 -3.62 9.75 16.13
N TYR A 286 -4.29 10.40 17.07
CA TYR A 286 -3.68 10.64 18.37
C TYR A 286 -3.50 9.35 19.18
N PHE A 287 -4.51 8.48 19.12
CA PHE A 287 -4.51 7.24 19.86
C PHE A 287 -3.28 6.42 19.53
N VAL A 288 -3.00 6.25 18.25
CA VAL A 288 -1.84 5.44 17.86
C VAL A 288 -0.53 6.08 18.32
N VAL A 289 -0.45 7.40 18.19
CA VAL A 289 0.74 8.16 18.57
C VAL A 289 1.03 8.17 20.08
N ALA A 290 -0.01 8.45 20.89
CA ALA A 290 0.13 8.51 22.35
C ALA A 290 0.51 7.18 22.95
N ALA A 291 -0.15 6.09 22.53
CA ALA A 291 0.18 4.77 23.10
C ALA A 291 1.59 4.32 22.69
N THR A 292 1.91 4.49 21.40
CA THR A 292 3.20 4.12 20.83
C THR A 292 4.34 4.84 21.55
N LEU A 293 4.23 6.15 21.72
CA LEU A 293 5.32 6.92 22.34
C LEU A 293 5.57 6.55 23.81
N GLN A 294 4.52 6.26 24.58
CA GLN A 294 4.72 5.74 25.97
C GLN A 294 5.45 4.41 25.93
N ASP A 295 5.08 3.56 24.97
CA ASP A 295 5.75 2.27 24.80
C ASP A 295 7.22 2.43 24.46
N ILE A 296 7.52 3.32 23.53
CA ILE A 296 8.89 3.66 23.13
C ILE A 296 9.73 4.16 24.31
N ILE A 297 9.19 5.11 25.06
CA ILE A 297 9.92 5.71 26.17
C ILE A 297 10.15 4.69 27.29
N ARG A 298 9.12 3.89 27.59
CA ARG A 298 9.23 2.80 28.56
C ARG A 298 10.41 1.89 28.20
N ARG A 299 10.45 1.45 26.94
CA ARG A 299 11.49 0.56 26.48
C ARG A 299 12.88 1.22 26.52
N PHE A 300 12.94 2.52 26.24
CA PHE A 300 14.19 3.29 26.32
C PHE A 300 14.73 3.41 27.75
N LYS A 301 13.84 3.66 28.71
CA LYS A 301 14.27 3.76 30.11
C LYS A 301 14.72 2.42 30.68
N SER A 302 14.22 1.32 30.12
CA SER A 302 14.52 -0.02 30.60
C SER A 302 15.71 -0.65 29.86
N SER A 303 16.79 0.09 29.74
CA SER A 303 18.01 -0.45 29.13
C SER A 303 18.79 -1.28 30.13
N ASN A 314 18.54 10.15 31.03
CA ASN A 314 19.22 11.16 30.23
C ASN A 314 18.86 11.07 28.75
N PHE A 315 18.10 12.06 28.28
CA PHE A 315 17.50 12.01 26.95
C PHE A 315 18.41 12.49 25.84
N ASP A 316 19.64 12.84 26.17
CA ASP A 316 20.63 13.20 25.15
C ASP A 316 20.88 12.03 24.21
N ALA A 317 20.78 10.82 24.71
CA ALA A 317 21.09 9.62 23.94
C ALA A 317 19.85 9.01 23.27
N PHE A 318 18.69 9.64 23.48
CA PHE A 318 17.43 9.14 22.93
C PHE A 318 17.50 8.94 21.40
N PRO A 319 18.01 9.93 20.63
CA PRO A 319 18.13 9.76 19.18
C PRO A 319 19.22 8.79 18.72
N ASP A 320 20.13 8.40 19.61
CA ASP A 320 21.06 7.31 19.30
C ASP A 320 20.42 5.94 19.46
N LYS A 321 19.31 5.88 20.19
CA LYS A 321 18.67 4.61 20.51
C LYS A 321 17.29 4.47 19.88
N VAL A 322 16.77 5.56 19.33
CA VAL A 322 15.41 5.59 18.78
C VAL A 322 15.36 6.36 17.44
N ALA A 323 14.76 5.73 16.44
CA ALA A 323 14.33 6.40 15.20
C ALA A 323 12.81 6.18 15.05
N ILE A 324 12.08 7.27 14.78
CA ILE A 324 10.65 7.19 14.49
C ILE A 324 10.42 7.63 13.05
N GLN A 325 9.83 6.74 12.25
CA GLN A 325 9.52 7.04 10.87
C GLN A 325 8.01 7.25 10.72
N LEU A 326 7.64 8.44 10.23
CA LEU A 326 6.24 8.82 10.04
C LEU A 326 5.81 8.50 8.61
N ASN A 327 4.88 7.56 8.48
CA ASN A 327 4.35 7.18 7.17
C ASN A 327 3.22 8.15 6.79
N ASP A 328 3.59 9.18 6.02
CA ASP A 328 2.75 10.33 5.70
C ASP A 328 2.54 11.17 6.95
N THR A 329 1.63 12.14 6.90
CA THR A 329 1.35 13.00 8.04
C THR A 329 0.39 12.34 9.02
N HIS A 330 -0.13 11.15 8.72
CA HIS A 330 -1.20 10.59 9.56
C HIS A 330 -0.80 10.44 11.05
N PRO A 331 0.49 10.11 11.34
CA PRO A 331 0.98 10.12 12.71
C PRO A 331 1.82 11.34 13.10
N SER A 332 1.58 12.47 12.43
CA SER A 332 2.33 13.71 12.67
C SER A 332 2.24 14.26 14.09
N LEU A 333 1.18 13.92 14.82
CA LEU A 333 1.08 14.33 16.20
C LEU A 333 2.16 13.73 17.09
N ALA A 334 2.93 12.77 16.60
CA ALA A 334 4.12 12.30 17.33
C ALA A 334 5.06 13.45 17.70
N ILE A 335 5.15 14.45 16.83
CA ILE A 335 6.10 15.56 17.03
C ILE A 335 5.69 16.38 18.26
N PRO A 336 4.47 16.95 18.29
CA PRO A 336 4.10 17.69 19.48
C PRO A 336 3.85 16.82 20.73
N GLU A 337 3.47 15.54 20.55
CA GLU A 337 3.35 14.63 21.69
C GLU A 337 4.71 14.33 22.34
N LEU A 338 5.72 14.09 21.52
CA LEU A 338 7.07 13.92 22.06
C LEU A 338 7.52 15.19 22.83
N MET A 339 7.28 16.35 22.26
CA MET A 339 7.56 17.61 22.94
C MET A 339 6.79 17.72 24.28
N ARG A 340 5.52 17.34 24.27
CA ARG A 340 4.69 17.38 25.48
C ARG A 340 5.26 16.50 26.59
N VAL A 341 5.61 15.27 26.25
CA VAL A 341 6.17 14.35 27.22
C VAL A 341 7.50 14.90 27.76
N LEU A 342 8.36 15.38 26.87
CA LEU A 342 9.70 15.81 27.27
C LEU A 342 9.67 17.09 28.12
N VAL A 343 8.85 18.05 27.71
CA VAL A 343 8.75 19.33 28.39
C VAL A 343 7.86 19.26 29.63
N ASP A 344 6.63 18.79 29.47
CA ASP A 344 5.66 18.78 30.57
C ASP A 344 5.90 17.72 31.62
N LEU A 345 6.36 16.53 31.23
CA LEU A 345 6.44 15.41 32.16
C LEU A 345 7.87 15.15 32.64
N GLU A 346 8.83 15.21 31.72
CA GLU A 346 10.25 15.02 32.05
C GLU A 346 11.00 16.31 32.40
N ARG A 347 10.36 17.46 32.20
CA ARG A 347 10.91 18.76 32.60
C ARG A 347 12.22 19.16 31.89
N LEU A 348 12.36 18.80 30.62
CA LEU A 348 13.48 19.29 29.83
C LEU A 348 13.10 20.67 29.37
N ASP A 349 14.10 21.52 29.16
CA ASP A 349 13.82 22.82 28.59
C ASP A 349 13.45 22.63 27.10
N TRP A 350 12.77 23.63 26.58
CA TRP A 350 12.23 23.59 25.24
C TRP A 350 13.29 23.26 24.20
N ASP A 351 14.42 23.98 24.21
CA ASP A 351 15.41 23.84 23.14
C ASP A 351 16.06 22.46 23.10
N LYS A 352 16.30 21.89 24.27
CA LYS A 352 16.85 20.55 24.37
C LYS A 352 15.85 19.50 23.83
N ALA A 353 14.59 19.60 24.27
CA ALA A 353 13.52 18.74 23.79
C ALA A 353 13.35 18.80 22.27
N TRP A 354 13.38 20.00 21.71
CA TRP A 354 13.23 20.18 20.26
C TRP A 354 14.37 19.50 19.51
N GLU A 355 15.59 19.66 20.01
CA GLU A 355 16.75 19.02 19.41
C GLU A 355 16.59 17.50 19.36
N VAL A 356 16.13 16.93 20.47
CA VAL A 356 15.92 15.48 20.56
C VAL A 356 14.84 15.03 19.59
N THR A 357 13.75 15.79 19.53
CA THR A 357 12.62 15.47 18.66
C THR A 357 12.99 15.46 17.19
N VAL A 358 13.64 16.53 16.73
CA VAL A 358 14.05 16.66 15.35
C VAL A 358 15.00 15.52 14.93
N LYS A 359 15.94 15.18 15.79
CA LYS A 359 16.90 14.12 15.51
C LYS A 359 16.28 12.72 15.52
N THR A 360 15.15 12.57 16.21
CA THR A 360 14.44 11.30 16.28
C THR A 360 13.48 11.02 15.12
N CYS A 361 12.77 12.06 14.67
CA CYS A 361 11.70 11.94 13.67
C CYS A 361 12.14 12.19 12.23
N ALA A 362 11.54 11.42 11.33
CA ALA A 362 11.68 11.58 9.90
C ALA A 362 10.33 11.33 9.25
N TYR A 363 10.09 12.01 8.13
CA TYR A 363 8.81 12.08 7.49
C TYR A 363 8.88 11.64 6.03
N THR A 364 8.00 10.73 5.66
CA THR A 364 7.85 10.31 4.27
C THR A 364 6.54 10.84 3.68
N ASN A 365 6.66 11.58 2.57
CA ASN A 365 5.52 12.14 1.85
C ASN A 365 5.11 11.21 0.69
N HIS A 366 3.82 11.03 0.51
CA HIS A 366 3.29 10.10 -0.47
C HIS A 366 2.40 10.73 -1.54
N THR A 367 2.27 12.04 -1.58
CA THR A 367 1.44 12.65 -2.64
C THR A 367 1.62 14.14 -2.78
N VAL A 368 1.21 14.64 -3.94
CA VAL A 368 1.26 16.07 -4.26
C VAL A 368 -0.12 16.66 -4.47
N LEU A 369 -1.17 15.84 -4.54
CA LEU A 369 -2.49 16.35 -4.78
C LEU A 369 -2.95 17.12 -3.54
N PRO A 370 -3.34 18.39 -3.73
CA PRO A 370 -3.63 19.28 -2.61
C PRO A 370 -4.79 18.83 -1.74
N GLU A 371 -5.76 18.15 -2.34
CA GLU A 371 -6.92 17.66 -1.60
C GLU A 371 -6.62 16.45 -0.73
N ALA A 372 -5.42 15.87 -0.88
CA ALA A 372 -5.03 14.74 -0.04
C ALA A 372 -4.25 15.22 1.20
N LEU A 373 -3.78 16.46 1.20
CA LEU A 373 -3.03 17.00 2.35
C LEU A 373 -3.91 17.19 3.59
N GLU A 374 -3.39 16.76 4.75
CA GLU A 374 -4.11 16.92 6.00
C GLU A 374 -3.95 18.32 6.55
N ARG A 375 -5.07 19.00 6.64
CA ARG A 375 -5.16 20.33 7.22
C ARG A 375 -6.27 20.35 8.27
N TRP A 376 -5.92 20.20 9.54
CA TRP A 376 -6.95 20.05 10.56
C TRP A 376 -7.47 21.41 11.05
N PRO A 377 -8.80 21.59 11.12
CA PRO A 377 -9.35 22.80 11.73
C PRO A 377 -8.84 23.01 13.15
N VAL A 378 -8.40 24.24 13.43
CA VAL A 378 -7.94 24.61 14.76
C VAL A 378 -8.98 24.31 15.85
N HIS A 379 -10.26 24.55 15.56
CA HIS A 379 -11.31 24.36 16.57
C HIS A 379 -11.40 22.90 17.04
N LEU A 380 -11.15 21.95 16.15
CA LEU A 380 -11.08 20.53 16.53
C LEU A 380 -9.94 20.25 17.49
N LEU A 381 -8.74 20.71 17.14
CA LEU A 381 -7.57 20.47 17.99
C LEU A 381 -7.74 21.16 19.33
N GLU A 382 -8.35 22.35 19.29
CA GLU A 382 -8.60 23.15 20.46
C GLU A 382 -9.42 22.40 21.51
N THR A 383 -10.48 21.73 21.06
CA THR A 383 -11.34 20.95 21.95
C THR A 383 -10.74 19.61 22.32
N LEU A 384 -10.16 18.91 21.34
CA LEU A 384 -9.72 17.54 21.59
C LEU A 384 -8.37 17.49 22.25
N LEU A 385 -7.46 18.36 21.86
CA LEU A 385 -6.05 18.26 22.25
C LEU A 385 -5.48 19.65 22.55
N PRO A 386 -6.07 20.34 23.55
CA PRO A 386 -5.74 21.73 23.85
C PRO A 386 -4.26 21.99 24.09
N ARG A 387 -3.57 21.04 24.72
CA ARG A 387 -2.14 21.23 24.99
C ARG A 387 -1.29 21.12 23.72
N HIS A 388 -1.64 20.17 22.85
CA HIS A 388 -0.97 20.01 21.58
C HIS A 388 -1.09 21.24 20.71
N LEU A 389 -2.24 21.90 20.72
CA LEU A 389 -2.43 23.12 19.93
C LEU A 389 -1.43 24.19 20.39
N GLN A 390 -1.28 24.34 21.71
CA GLN A 390 -0.35 25.34 22.28
C GLN A 390 1.08 25.06 21.83
N ILE A 391 1.46 23.80 21.90
CA ILE A 391 2.78 23.40 21.49
C ILE A 391 3.01 23.67 20.01
N ILE A 392 1.99 23.38 19.20
CA ILE A 392 2.08 23.63 17.75
C ILE A 392 2.25 25.12 17.45
N TYR A 393 1.51 25.96 18.17
CA TYR A 393 1.65 27.43 18.01
C TYR A 393 3.07 27.87 18.36
N GLU A 394 3.61 27.33 19.45
CA GLU A 394 4.97 27.64 19.89
C GLU A 394 6.02 27.17 18.89
N ILE A 395 5.83 25.96 18.36
CA ILE A 395 6.71 25.48 17.29
C ILE A 395 6.67 26.45 16.10
N ASN A 396 5.47 26.85 15.74
CA ASN A 396 5.29 27.71 14.57
C ASN A 396 6.01 29.06 14.74
N GLN A 397 5.83 29.66 15.91
CA GLN A 397 6.44 30.94 16.24
C GLN A 397 7.95 30.91 16.17
N ARG A 398 8.57 29.91 16.78
CA ARG A 398 10.03 29.77 16.72
C ARG A 398 10.51 29.46 15.32
N PHE A 399 9.75 28.66 14.57
CA PHE A 399 10.12 28.32 13.18
C PHE A 399 10.10 29.56 12.28
N LEU A 400 9.04 30.34 12.39
CA LEU A 400 8.90 31.55 11.57
C LEU A 400 9.94 32.62 11.95
N ASN A 401 10.39 32.63 13.20
CA ASN A 401 11.50 33.51 13.58
C ASN A 401 12.79 33.14 12.83
N ARG A 402 13.03 31.85 12.60
CA ARG A 402 14.17 31.43 11.79
C ARG A 402 14.02 31.80 10.31
N VAL A 403 12.81 31.68 9.77
CA VAL A 403 12.54 32.08 8.39
C VAL A 403 12.82 33.58 8.24
N ALA A 404 12.25 34.38 9.14
CA ALA A 404 12.42 35.84 9.14
C ALA A 404 13.88 36.27 9.17
N ALA A 405 14.71 35.56 9.92
CA ALA A 405 16.15 35.86 10.00
C ALA A 405 16.92 35.47 8.75
N ALA A 406 16.47 34.41 8.07
CA ALA A 406 17.14 33.94 6.86
C ALA A 406 16.69 34.69 5.61
N PHE A 407 15.47 35.20 5.61
CA PHE A 407 14.91 35.90 4.45
C PHE A 407 14.21 37.16 4.92
N PRO A 408 14.98 38.12 5.47
CA PRO A 408 14.36 39.29 6.09
C PRO A 408 13.57 40.11 5.08
N GLY A 409 12.41 40.58 5.52
CA GLY A 409 11.51 41.34 4.66
C GLY A 409 10.58 40.54 3.79
N ASP A 410 10.82 39.22 3.66
CA ASP A 410 10.04 38.39 2.74
C ASP A 410 8.78 37.94 3.46
N VAL A 411 7.79 38.82 3.46
CA VAL A 411 6.59 38.61 4.26
C VAL A 411 5.67 37.58 3.66
N ASP A 412 5.68 37.42 2.34
CA ASP A 412 4.84 36.40 1.74
CA ASP A 412 4.85 36.42 1.70
C ASP A 412 5.36 35.01 2.06
N ARG A 413 6.67 34.86 2.16
CA ARG A 413 7.28 33.58 2.52
C ARG A 413 6.82 33.16 3.90
N LEU A 414 6.73 34.13 4.82
CA LEU A 414 6.26 33.88 6.17
C LEU A 414 4.86 33.30 6.18
N ARG A 415 3.96 33.87 5.38
CA ARG A 415 2.62 33.34 5.39
C ARG A 415 2.55 32.00 4.63
N ARG A 416 3.36 31.80 3.60
CA ARG A 416 3.39 30.54 2.87
C ARG A 416 3.93 29.36 3.72
N MET A 417 4.89 29.63 4.59
CA MET A 417 5.58 28.56 5.31
C MET A 417 4.94 28.26 6.67
N SER A 418 4.00 29.11 7.08
CA SER A 418 3.41 29.01 8.41
C SER A 418 2.72 27.64 8.57
N LEU A 419 2.75 27.09 9.78
CA LEU A 419 2.04 25.86 10.07
C LEU A 419 0.54 26.16 10.19
N VAL A 420 0.23 27.41 10.52
CA VAL A 420 -1.16 27.84 10.69
C VAL A 420 -1.61 28.50 9.40
N GLU A 421 -2.65 27.96 8.79
CA GLU A 421 -3.24 28.57 7.61
C GLU A 421 -4.40 29.48 8.00
N GLU A 422 -4.35 30.72 7.53
CA GLU A 422 -5.41 31.70 7.80
C GLU A 422 -6.55 31.49 6.79
N GLY A 423 -7.75 31.93 7.13
CA GLY A 423 -8.89 31.79 6.22
C GLY A 423 -10.21 31.84 6.94
N ALA A 424 -11.26 31.39 6.26
CA ALA A 424 -12.59 31.24 6.89
C ALA A 424 -12.43 30.45 8.19
N VAL A 425 -11.96 29.21 8.07
CA VAL A 425 -11.56 28.43 9.25
C VAL A 425 -10.04 28.33 9.25
N LYS A 426 -9.42 28.63 10.39
CA LYS A 426 -8.00 28.42 10.53
C LYS A 426 -7.74 26.93 10.56
N ARG A 427 -6.66 26.51 9.91
CA ARG A 427 -6.24 25.10 9.90
C ARG A 427 -4.76 24.97 10.20
N ILE A 428 -4.37 23.80 10.70
CA ILE A 428 -2.96 23.44 10.84
C ILE A 428 -2.54 22.60 9.63
N ASN A 429 -1.48 23.01 8.95
CA ASN A 429 -0.95 22.23 7.86
C ASN A 429 0.03 21.17 8.43
N MET A 430 -0.38 19.90 8.40
CA MET A 430 0.37 18.86 9.10
C MET A 430 1.66 18.51 8.36
N ALA A 431 1.67 18.72 7.05
CA ALA A 431 2.91 18.54 6.26
C ALA A 431 3.98 19.55 6.67
N HIS A 432 3.59 20.81 6.88
CA HIS A 432 4.55 21.81 7.34
C HIS A 432 5.09 21.49 8.73
N LEU A 433 4.22 21.00 9.60
CA LEU A 433 4.63 20.55 10.95
C LEU A 433 5.68 19.43 10.85
N CYS A 434 5.43 18.47 9.98
CA CYS A 434 6.35 17.34 9.80
C CYS A 434 7.71 17.77 9.28
N ILE A 435 7.75 18.75 8.36
CA ILE A 435 9.02 19.22 7.81
C ILE A 435 9.82 19.94 8.90
N ALA A 436 9.16 20.82 9.64
CA ALA A 436 9.80 21.56 10.71
C ALA A 436 10.39 20.66 11.80
N GLY A 437 9.67 19.60 12.15
CA GLY A 437 10.06 18.75 13.27
C GLY A 437 10.81 17.47 12.94
N SER A 438 11.28 17.32 11.70
CA SER A 438 11.99 16.13 11.24
C SER A 438 13.38 16.47 10.70
N HIS A 439 14.37 15.62 10.96
CA HIS A 439 15.69 15.77 10.37
C HIS A 439 15.78 15.28 8.92
N ALA A 440 14.78 14.54 8.45
CA ALA A 440 14.75 14.10 7.05
C ALA A 440 13.34 14.03 6.52
N VAL A 441 13.21 14.38 5.25
CA VAL A 441 11.96 14.36 4.53
C VAL A 441 12.25 13.73 3.19
N ASN A 442 11.52 12.67 2.85
CA ASN A 442 11.72 12.02 1.57
C ASN A 442 10.43 11.85 0.80
N GLY A 443 10.57 11.94 -0.53
CA GLY A 443 9.57 11.45 -1.46
C GLY A 443 9.93 10.02 -1.82
N VAL A 444 9.12 9.40 -2.66
CA VAL A 444 9.09 7.97 -2.81
C VAL A 444 9.44 7.49 -4.22
N ALA A 445 9.86 8.45 -5.05
CA ALA A 445 10.47 8.19 -6.35
C ALA A 445 11.21 9.45 -6.80
N ARG A 446 12.19 9.30 -7.70
CA ARG A 446 13.08 10.43 -8.02
C ARG A 446 12.31 11.63 -8.51
N ILE A 447 11.39 11.41 -9.44
CA ILE A 447 10.63 12.50 -10.05
C ILE A 447 9.75 13.22 -8.99
N HIS A 448 9.15 12.43 -8.10
CA HIS A 448 8.32 12.95 -7.02
C HIS A 448 9.17 13.77 -6.05
N SER A 449 10.32 13.25 -5.65
CA SER A 449 11.21 13.97 -4.74
C SER A 449 11.73 15.28 -5.34
N GLU A 450 11.95 15.30 -6.66
CA GLU A 450 12.32 16.54 -7.35
C GLU A 450 11.17 17.52 -7.38
N ILE A 451 9.97 17.03 -7.65
CA ILE A 451 8.78 17.86 -7.60
C ILE A 451 8.57 18.52 -6.22
N LEU A 452 8.85 17.79 -5.13
CA LEU A 452 8.70 18.34 -3.79
C LEU A 452 9.65 19.53 -3.59
N LYS A 453 10.86 19.42 -4.12
CA LYS A 453 11.85 20.49 -3.96
C LYS A 453 11.59 21.70 -4.82
N LYS A 454 10.95 21.49 -5.96
CA LYS A 454 10.73 22.53 -6.97
C LYS A 454 9.41 23.25 -6.82
N THR A 455 8.39 22.60 -6.29
CA THR A 455 7.05 23.20 -6.21
C THR A 455 6.54 23.26 -4.78
N ILE A 456 5.85 22.24 -4.30
CA ILE A 456 5.07 22.40 -3.09
C ILE A 456 5.87 22.66 -1.81
N PHE A 457 7.10 22.16 -1.70
CA PHE A 457 7.93 22.48 -0.53
C PHE A 457 9.20 23.26 -0.87
N LYS A 458 9.16 23.99 -1.98
CA LYS A 458 10.26 24.85 -2.41
C LYS A 458 10.81 25.75 -1.29
N ASP A 459 9.92 26.42 -0.60
CA ASP A 459 10.33 27.38 0.45
C ASP A 459 11.15 26.69 1.54
N PHE A 460 10.72 25.48 1.92
CA PHE A 460 11.34 24.66 2.96
C PHE A 460 12.68 24.13 2.53
N TYR A 461 12.77 23.75 1.27
CA TYR A 461 14.03 23.26 0.71
C TYR A 461 15.10 24.39 0.65
N GLU A 462 14.68 25.62 0.39
CA GLU A 462 15.61 26.76 0.37
C GLU A 462 16.10 27.08 1.75
N LEU A 463 15.24 26.92 2.76
CA LEU A 463 15.64 27.10 4.14
C LEU A 463 16.53 25.98 4.66
N GLU A 464 16.20 24.72 4.37
CA GLU A 464 16.95 23.57 4.91
C GLU A 464 17.13 22.46 3.85
N PRO A 465 18.04 22.69 2.90
CA PRO A 465 18.18 21.76 1.78
C PRO A 465 18.63 20.37 2.20
N HIS A 466 19.40 20.32 3.27
CA HIS A 466 19.97 19.06 3.77
C HIS A 466 18.92 18.03 4.19
N LYS A 467 17.73 18.49 4.56
CA LYS A 467 16.63 17.61 5.00
C LYS A 467 16.03 16.75 3.90
N PHE A 468 16.05 17.23 2.68
CA PHE A 468 15.31 16.62 1.59
C PHE A 468 16.08 15.48 0.89
N GLN A 469 15.43 14.32 0.83
CA GLN A 469 15.99 13.13 0.23
C GLN A 469 15.00 12.44 -0.69
N ASN A 470 15.50 11.49 -1.47
CA ASN A 470 14.70 10.51 -2.20
C ASN A 470 14.93 9.12 -1.62
N LYS A 471 13.86 8.35 -1.50
CA LYS A 471 13.92 6.90 -1.29
C LYS A 471 12.90 6.24 -2.20
N THR A 472 13.33 5.76 -3.34
CA THR A 472 12.44 5.17 -4.30
C THR A 472 11.83 3.90 -3.69
N ASN A 473 10.51 3.80 -3.78
CA ASN A 473 9.75 2.64 -3.29
C ASN A 473 10.24 1.31 -3.85
N GLY A 474 9.78 0.24 -3.22
CA GLY A 474 10.09 -1.12 -3.64
C GLY A 474 9.00 -2.07 -3.15
N ILE A 475 9.13 -3.32 -3.55
CA ILE A 475 8.25 -4.41 -3.14
C ILE A 475 9.07 -5.60 -2.66
N THR A 476 8.49 -6.44 -1.81
CA THR A 476 9.24 -7.59 -1.30
C THR A 476 9.20 -8.73 -2.30
N PRO A 477 10.37 -9.21 -2.71
CA PRO A 477 10.32 -10.32 -3.67
C PRO A 477 9.90 -11.67 -3.07
N ARG A 478 9.73 -11.73 -1.75
CA ARG A 478 9.18 -12.94 -1.14
C ARG A 478 7.72 -13.09 -1.51
N ARG A 479 6.86 -12.19 -1.01
CA ARG A 479 5.46 -12.24 -1.40
C ARG A 479 5.25 -12.10 -2.92
N TRP A 480 5.98 -11.17 -3.54
CA TRP A 480 5.62 -10.75 -4.91
C TRP A 480 6.38 -11.50 -6.01
N LEU A 481 7.12 -12.53 -5.65
CA LEU A 481 7.64 -13.49 -6.65
C LEU A 481 7.56 -14.94 -6.15
N VAL A 482 8.30 -15.25 -5.09
CA VAL A 482 8.37 -16.65 -4.61
C VAL A 482 7.00 -17.22 -4.22
N LEU A 483 6.24 -16.42 -3.49
CA LEU A 483 4.94 -16.83 -2.98
C LEU A 483 3.89 -16.88 -4.09
N CYS A 484 3.75 -15.82 -4.87
CA CYS A 484 2.68 -15.78 -5.86
C CYS A 484 3.05 -16.42 -7.21
N ASN A 485 4.33 -16.59 -7.48
CA ASN A 485 4.73 -17.11 -8.81
C ASN A 485 5.86 -18.13 -8.67
N PRO A 486 5.56 -19.27 -8.01
CA PRO A 486 6.60 -20.26 -7.75
C PRO A 486 7.20 -20.84 -9.04
N GLY A 487 6.38 -21.04 -10.06
CA GLY A 487 6.87 -21.47 -11.37
C GLY A 487 7.97 -20.59 -11.93
N LEU A 488 7.78 -19.27 -11.87
CA LEU A 488 8.80 -18.36 -12.36
C LEU A 488 10.01 -18.35 -11.47
N ALA A 489 9.81 -18.38 -10.16
CA ALA A 489 10.93 -18.36 -9.23
C ALA A 489 11.83 -19.60 -9.44
N GLU A 490 11.22 -20.71 -9.82
CA GLU A 490 11.94 -21.99 -9.99
C GLU A 490 12.81 -22.01 -11.25
N ILE A 491 12.24 -21.66 -12.41
CA ILE A 491 13.04 -21.61 -13.64
C ILE A 491 14.18 -20.61 -13.51
N ILE A 492 13.99 -19.53 -12.75
CA ILE A 492 15.10 -18.61 -12.50
C ILE A 492 16.14 -19.28 -11.63
N ALA A 493 15.68 -19.95 -10.57
CA ALA A 493 16.61 -20.58 -9.63
C ALA A 493 17.47 -21.63 -10.34
N GLU A 494 16.88 -22.34 -11.30
CA GLU A 494 17.61 -23.38 -12.05
C GLU A 494 18.86 -22.85 -12.70
N ARG A 495 18.77 -21.64 -13.23
CA ARG A 495 19.88 -21.03 -13.94
C ARG A 495 20.85 -20.34 -12.99
N ILE A 496 20.35 -19.59 -12.02
CA ILE A 496 21.24 -18.73 -11.22
C ILE A 496 21.28 -19.01 -9.71
N GLY A 497 20.59 -20.04 -9.25
CA GLY A 497 20.64 -20.36 -7.84
C GLY A 497 19.56 -19.58 -7.10
N GLU A 498 19.63 -19.60 -5.77
CA GLU A 498 18.55 -19.11 -4.92
C GLU A 498 18.83 -17.78 -4.29
N GLU A 499 20.09 -17.34 -4.35
CA GLU A 499 20.50 -16.16 -3.60
C GLU A 499 19.76 -14.87 -4.00
N TYR A 500 19.21 -14.82 -5.20
CA TYR A 500 18.54 -13.63 -5.69
C TYR A 500 17.32 -13.25 -4.83
N ILE A 501 16.75 -14.23 -4.14
CA ILE A 501 15.57 -14.02 -3.33
C ILE A 501 15.80 -12.98 -2.23
N SER A 502 17.02 -12.88 -1.71
CA SER A 502 17.36 -11.81 -0.76
C SER A 502 18.44 -10.83 -1.29
N ASP A 503 18.68 -10.88 -2.59
CA ASP A 503 19.63 -9.98 -3.24
C ASP A 503 19.18 -9.89 -4.69
N LEU A 504 18.14 -9.08 -4.92
CA LEU A 504 17.40 -9.16 -6.18
C LEU A 504 18.18 -8.65 -7.40
N ASP A 505 19.23 -7.87 -7.14
CA ASP A 505 20.13 -7.39 -8.20
C ASP A 505 20.77 -8.53 -9.00
N GLN A 506 20.82 -9.72 -8.41
CA GLN A 506 21.35 -10.87 -9.12
C GLN A 506 20.51 -11.29 -10.33
N LEU A 507 19.25 -10.86 -10.39
CA LEU A 507 18.46 -11.08 -11.61
C LEU A 507 19.13 -10.54 -12.90
N ARG A 508 20.07 -9.60 -12.78
CA ARG A 508 20.82 -9.10 -13.95
C ARG A 508 21.52 -10.22 -14.71
N LYS A 509 21.96 -11.25 -13.99
CA LYS A 509 22.60 -12.41 -14.61
C LYS A 509 21.72 -13.03 -15.67
N LEU A 510 20.41 -12.77 -15.62
CA LEU A 510 19.50 -13.35 -16.61
C LEU A 510 19.65 -12.74 -18.01
N LEU A 511 20.28 -11.57 -18.12
CA LEU A 511 20.55 -10.99 -19.44
C LEU A 511 21.34 -11.99 -20.33
N SER A 512 22.26 -12.72 -19.71
CA SER A 512 23.03 -13.69 -20.48
C SER A 512 22.20 -14.92 -20.92
N TYR A 513 20.88 -14.90 -20.75
CA TYR A 513 19.99 -15.94 -21.28
C TYR A 513 18.92 -15.41 -22.21
N VAL A 514 19.03 -14.15 -22.62
CA VAL A 514 18.02 -13.53 -23.50
C VAL A 514 17.95 -14.20 -24.88
N ASP A 515 19.05 -14.83 -25.32
CA ASP A 515 19.08 -15.58 -26.58
C ASP A 515 19.02 -17.11 -26.42
N ASP A 516 18.85 -17.58 -25.19
CA ASP A 516 18.77 -19.01 -24.87
C ASP A 516 17.36 -19.53 -25.19
N GLU A 517 17.27 -20.45 -26.13
CA GLU A 517 15.97 -20.92 -26.62
C GLU A 517 15.19 -21.74 -25.58
N ALA A 518 15.92 -22.40 -24.67
CA ALA A 518 15.29 -23.18 -23.61
C ALA A 518 14.57 -22.24 -22.62
N PHE A 519 15.33 -21.24 -22.14
CA PHE A 519 14.81 -20.24 -21.21
C PHE A 519 13.61 -19.49 -21.80
N ILE A 520 13.73 -19.04 -23.05
CA ILE A 520 12.64 -18.37 -23.74
C ILE A 520 11.36 -19.22 -23.66
N ARG A 521 11.48 -20.50 -23.99
CA ARG A 521 10.33 -21.39 -23.94
C ARG A 521 9.76 -21.54 -22.52
N ASP A 522 10.64 -21.59 -21.53
CA ASP A 522 10.21 -21.77 -20.13
C ASP A 522 9.52 -20.53 -19.56
N VAL A 523 10.10 -19.35 -19.76
CA VAL A 523 9.43 -18.08 -19.38
C VAL A 523 8.01 -18.03 -19.96
N ALA A 524 7.89 -18.32 -21.25
CA ALA A 524 6.59 -18.29 -21.93
C ALA A 524 5.63 -19.36 -21.43
N LYS A 525 6.17 -20.54 -21.09
CA LYS A 525 5.34 -21.63 -20.54
C LYS A 525 4.79 -21.29 -19.15
N VAL A 526 5.61 -20.73 -18.29
CA VAL A 526 5.16 -20.27 -16.96
C VAL A 526 4.00 -19.24 -17.08
N LYS A 527 4.18 -18.24 -17.91
CA LYS A 527 3.10 -17.27 -18.16
C LYS A 527 1.82 -17.97 -18.62
N GLN A 528 1.96 -18.88 -19.58
CA GLN A 528 0.79 -19.58 -20.10
C GLN A 528 0.07 -20.39 -19.02
N GLU A 529 0.83 -21.10 -18.19
CA GLU A 529 0.24 -21.86 -17.07
C GLU A 529 -0.45 -20.90 -16.07
N ASN A 530 0.19 -19.77 -15.76
CA ASN A 530 -0.41 -18.78 -14.83
C ASN A 530 -1.74 -18.29 -15.38
N LYS A 531 -1.78 -18.06 -16.69
CA LYS A 531 -2.99 -17.57 -17.36
C LYS A 531 -4.12 -18.59 -17.39
N LEU A 532 -3.79 -19.85 -17.67
CA LEU A 532 -4.78 -20.95 -17.63
C LEU A 532 -5.35 -21.08 -16.23
N LYS A 533 -4.47 -21.03 -15.24
CA LYS A 533 -4.88 -21.09 -13.84
C LYS A 533 -5.86 -19.96 -13.51
N PHE A 534 -5.54 -18.72 -13.89
CA PHE A 534 -6.41 -17.58 -13.56
C PHE A 534 -7.75 -17.62 -14.32
N ALA A 535 -7.71 -18.04 -15.58
CA ALA A 535 -8.93 -18.18 -16.39
C ALA A 535 -9.89 -19.19 -15.77
N ALA A 536 -9.32 -20.20 -15.12
CA ALA A 536 -10.09 -21.22 -14.41
C ALA A 536 -10.68 -20.67 -13.13
N TYR A 537 -9.87 -19.90 -12.38
CA TYR A 537 -10.34 -19.23 -11.16
C TYR A 537 -11.54 -18.34 -11.46
N LEU A 538 -11.51 -17.66 -12.60
CA LEU A 538 -12.61 -16.82 -13.03
C LEU A 538 -13.91 -17.58 -13.20
N GLU A 539 -13.88 -18.71 -13.92
CA GLU A 539 -15.08 -19.51 -14.12
C GLU A 539 -15.62 -20.08 -12.81
N ARG A 540 -14.75 -20.76 -12.05
CA ARG A 540 -15.13 -21.35 -10.76
C ARG A 540 -15.80 -20.34 -9.82
N GLU A 541 -15.07 -19.30 -9.44
CA GLU A 541 -15.56 -18.34 -8.44
C GLU A 541 -16.39 -17.17 -9.00
N TYR A 542 -16.56 -17.07 -10.33
CA TYR A 542 -17.33 -15.95 -10.89
C TYR A 542 -18.07 -16.21 -12.23
N LYS A 543 -18.26 -17.47 -12.61
CA LYS A 543 -19.08 -17.83 -13.80
C LYS A 543 -18.80 -17.01 -15.08
N VAL A 544 -17.54 -16.63 -15.31
CA VAL A 544 -17.18 -15.80 -16.47
C VAL A 544 -16.10 -16.50 -17.30
N HIS A 545 -16.32 -16.52 -18.63
CA HIS A 545 -15.59 -17.41 -19.54
C HIS A 545 -14.67 -16.64 -20.49
N ILE A 546 -13.36 -16.75 -20.29
CA ILE A 546 -12.36 -16.01 -21.08
C ILE A 546 -11.47 -16.90 -21.94
N ASN A 547 -10.96 -16.31 -23.02
CA ASN A 547 -10.02 -16.97 -23.90
C ASN A 547 -8.58 -16.83 -23.39
N PRO A 548 -7.93 -17.95 -23.02
CA PRO A 548 -6.59 -17.85 -22.44
C PRO A 548 -5.46 -17.61 -23.46
N ASN A 549 -5.78 -17.61 -24.75
CA ASN A 549 -4.82 -17.22 -25.79
C ASN A 549 -4.78 -15.72 -26.07
N SER A 550 -5.70 -14.96 -25.47
CA SER A 550 -5.72 -13.51 -25.67
C SER A 550 -4.64 -12.85 -24.82
N LEU A 551 -4.31 -11.62 -25.18
CA LEU A 551 -3.41 -10.80 -24.39
C LEU A 551 -4.15 -10.31 -23.15
N PHE A 552 -3.59 -10.59 -21.97
CA PHE A 552 -4.18 -10.18 -20.70
C PHE A 552 -3.72 -8.75 -20.36
N ASP A 553 -4.64 -7.81 -20.56
CA ASP A 553 -4.42 -6.37 -20.46
C ASP A 553 -5.07 -5.92 -19.14
N VAL A 554 -4.24 -5.56 -18.16
CA VAL A 554 -4.69 -5.44 -16.77
C VAL A 554 -4.39 -4.08 -16.17
N GLN A 555 -5.43 -3.47 -15.59
CA GLN A 555 -5.28 -2.27 -14.79
C GLN A 555 -5.94 -2.48 -13.44
N VAL A 556 -5.13 -2.74 -12.41
CA VAL A 556 -5.67 -2.95 -11.08
C VAL A 556 -4.98 -1.99 -10.09
N LYS A 557 -5.81 -1.24 -9.37
CA LYS A 557 -5.38 -0.22 -8.41
C LYS A 557 -6.68 0.48 -7.94
N ARG A 558 -6.62 1.30 -6.92
CA ARG A 558 -7.82 2.02 -6.50
C ARG A 558 -8.36 2.91 -7.63
N ILE A 559 -9.67 3.08 -7.67
CA ILE A 559 -10.32 3.92 -8.70
C ILE A 559 -10.18 5.41 -8.35
N HIS A 560 -9.42 6.13 -9.16
CA HIS A 560 -9.31 7.59 -9.02
CA HIS A 560 -9.23 7.59 -9.02
C HIS A 560 -9.20 8.23 -10.40
N GLU A 561 -9.70 9.46 -10.50
CA GLU A 561 -9.58 10.19 -11.77
C GLU A 561 -8.11 10.36 -12.23
N TYR A 562 -7.18 10.58 -11.29
CA TYR A 562 -5.79 10.76 -11.66
C TYR A 562 -5.14 9.50 -12.21
N LYS A 563 -5.67 8.33 -11.85
CA LYS A 563 -5.14 7.06 -12.34
C LYS A 563 -5.67 6.75 -13.77
N ARG A 564 -6.73 7.46 -14.17
CA ARG A 564 -7.22 7.49 -15.55
C ARG A 564 -7.70 6.13 -16.11
N GLN A 565 -8.38 5.34 -15.27
CA GLN A 565 -9.18 4.21 -15.74
C GLN A 565 -10.04 4.64 -16.94
N LEU A 566 -10.50 5.90 -16.95
CA LEU A 566 -11.28 6.42 -18.08
C LEU A 566 -10.53 6.45 -19.42
N LEU A 567 -9.24 6.73 -19.38
CA LEU A 567 -8.44 6.68 -20.60
C LEU A 567 -8.45 5.26 -21.16
N ASN A 568 -8.22 4.28 -20.28
CA ASN A 568 -8.34 2.86 -20.61
C ASN A 568 -9.70 2.57 -21.24
N CYS A 569 -10.78 3.08 -20.64
CA CYS A 569 -12.14 2.86 -21.17
C CYS A 569 -12.27 3.38 -22.59
N LEU A 570 -11.66 4.53 -22.84
CA LEU A 570 -11.75 5.11 -24.17
C LEU A 570 -11.05 4.22 -25.17
N HIS A 571 -9.90 3.65 -24.81
CA HIS A 571 -9.22 2.73 -25.71
C HIS A 571 -10.07 1.49 -26.03
N VAL A 572 -10.65 0.90 -24.98
CA VAL A 572 -11.50 -0.27 -25.13
C VAL A 572 -12.63 -0.03 -26.15
N ILE A 573 -13.32 1.10 -25.99
CA ILE A 573 -14.40 1.48 -26.91
C ILE A 573 -13.91 1.72 -28.35
N THR A 574 -12.72 2.29 -28.49
CA THR A 574 -12.10 2.49 -29.80
C THR A 574 -11.87 1.14 -30.51
N LEU A 575 -11.39 0.15 -29.77
CA LEU A 575 -11.18 -1.21 -30.28
C LEU A 575 -12.50 -1.82 -30.74
N TYR A 576 -13.51 -1.69 -29.90
CA TYR A 576 -14.81 -2.23 -30.23
C TYR A 576 -15.34 -1.58 -31.51
N ASN A 577 -15.21 -0.25 -31.59
CA ASN A 577 -15.69 0.48 -32.77
C ASN A 577 -14.93 0.12 -34.05
N ARG A 578 -13.62 -0.05 -33.97
CA ARG A 578 -12.82 -0.51 -35.10
C ARG A 578 -13.22 -1.92 -35.58
N ILE A 579 -13.54 -2.80 -34.64
CA ILE A 579 -14.01 -4.14 -35.00
C ILE A 579 -15.36 -4.07 -35.69
N LYS A 580 -16.29 -3.31 -35.13
CA LYS A 580 -17.60 -3.18 -35.75
C LYS A 580 -17.53 -2.55 -37.15
N LYS A 581 -16.54 -1.71 -37.39
CA LYS A 581 -16.36 -1.07 -38.68
C LYS A 581 -15.79 -2.05 -39.73
N GLU A 582 -14.77 -2.83 -39.35
CA GLU A 582 -14.13 -3.84 -40.22
C GLU A 582 -14.10 -5.21 -39.55
N PRO A 583 -15.28 -5.85 -39.45
CA PRO A 583 -15.37 -7.04 -38.62
C PRO A 583 -14.54 -8.23 -39.10
N ASN A 584 -14.24 -8.29 -40.39
CA ASN A 584 -13.53 -9.45 -40.94
C ASN A 584 -12.03 -9.23 -41.06
N LYS A 585 -11.55 -8.14 -40.50
CA LYS A 585 -10.12 -7.86 -40.39
C LYS A 585 -9.57 -8.54 -39.12
N PHE A 586 -8.33 -9.01 -39.17
CA PHE A 586 -7.71 -9.63 -38.01
C PHE A 586 -7.25 -8.59 -36.98
N VAL A 587 -7.52 -8.87 -35.70
CA VAL A 587 -6.94 -8.10 -34.59
C VAL A 587 -6.42 -9.05 -33.52
N VAL A 588 -5.34 -8.66 -32.85
CA VAL A 588 -4.84 -9.43 -31.74
C VAL A 588 -5.93 -9.47 -30.65
N PRO A 589 -6.39 -10.67 -30.26
CA PRO A 589 -7.44 -10.80 -29.24
C PRO A 589 -6.98 -10.29 -27.88
N ARG A 590 -7.91 -9.69 -27.12
CA ARG A 590 -7.58 -9.14 -25.79
C ARG A 590 -8.62 -9.48 -24.77
N THR A 591 -8.16 -9.74 -23.56
CA THR A 591 -9.00 -9.68 -22.38
C THR A 591 -8.51 -8.49 -21.57
N VAL A 592 -9.36 -7.48 -21.48
CA VAL A 592 -9.07 -6.28 -20.74
C VAL A 592 -9.73 -6.44 -19.38
N MET A 593 -8.91 -6.42 -18.34
CA MET A 593 -9.37 -6.56 -16.99
C MET A 593 -9.07 -5.29 -16.21
N ILE A 594 -10.09 -4.76 -15.56
CA ILE A 594 -9.94 -3.57 -14.74
C ILE A 594 -10.52 -3.89 -13.38
N GLY A 595 -9.81 -3.52 -12.32
CA GLY A 595 -10.34 -3.72 -10.97
C GLY A 595 -9.82 -2.74 -9.96
N GLY A 596 -10.57 -2.58 -8.87
CA GLY A 596 -10.22 -1.70 -7.79
C GLY A 596 -11.43 -1.16 -7.08
N LYS A 597 -11.21 -0.70 -5.85
CA LYS A 597 -12.27 -0.16 -5.02
C LYS A 597 -12.33 1.35 -5.14
N ALA A 598 -13.56 1.85 -5.07
CA ALA A 598 -13.84 3.28 -5.01
C ALA A 598 -14.19 3.67 -3.58
N ALA A 599 -13.72 4.81 -3.13
CA ALA A 599 -14.07 5.32 -1.80
C ALA A 599 -15.58 5.53 -1.76
N PRO A 600 -16.25 5.09 -0.67
CA PRO A 600 -17.72 5.15 -0.61
C PRO A 600 -18.33 6.51 -0.93
N GLY A 601 -17.68 7.61 -0.58
CA GLY A 601 -18.24 8.94 -0.89
C GLY A 601 -17.92 9.56 -2.25
N TYR A 602 -17.12 8.88 -3.06
CA TYR A 602 -16.50 9.48 -4.26
C TYR A 602 -17.36 9.13 -5.46
N HIS A 603 -18.29 10.03 -5.75
CA HIS A 603 -19.30 9.77 -6.75
C HIS A 603 -18.73 9.45 -8.14
N MET A 604 -17.79 10.26 -8.62
CA MET A 604 -17.22 10.04 -9.95
C MET A 604 -16.55 8.65 -10.09
N ALA A 605 -15.83 8.23 -9.04
CA ALA A 605 -15.23 6.89 -9.01
C ALA A 605 -16.28 5.78 -9.12
N LYS A 606 -17.42 5.98 -8.47
CA LYS A 606 -18.52 5.02 -8.59
C LYS A 606 -19.12 5.00 -9.98
N MET A 607 -19.19 6.15 -10.63
CA MET A 607 -19.70 6.23 -12.00
C MET A 607 -18.77 5.51 -12.98
N ILE A 608 -17.47 5.62 -12.75
CA ILE A 608 -16.46 4.96 -13.58
C ILE A 608 -16.58 3.43 -13.52
N ILE A 609 -16.82 2.87 -12.32
CA ILE A 609 -17.04 1.44 -12.18
C ILE A 609 -18.26 1.03 -13.01
N LYS A 610 -19.33 1.81 -12.90
CA LYS A 610 -20.56 1.52 -13.64
C LYS A 610 -20.35 1.59 -15.16
N LEU A 611 -19.55 2.54 -15.61
CA LEU A 611 -19.18 2.64 -17.03
C LEU A 611 -18.42 1.39 -17.49
N ILE A 612 -17.46 0.92 -16.70
CA ILE A 612 -16.69 -0.26 -17.08
C ILE A 612 -17.60 -1.48 -17.24
N THR A 613 -18.48 -1.73 -16.27
CA THR A 613 -19.39 -2.87 -16.38
C THR A 613 -20.37 -2.69 -17.56
N ALA A 614 -20.83 -1.45 -17.80
CA ALA A 614 -21.71 -1.16 -18.93
C ALA A 614 -21.08 -1.44 -20.30
N ILE A 615 -19.80 -1.15 -20.44
CA ILE A 615 -19.05 -1.43 -21.66
C ILE A 615 -18.95 -2.94 -21.85
N GLY A 616 -18.64 -3.64 -20.76
CA GLY A 616 -18.69 -5.11 -20.71
C GLY A 616 -20.00 -5.69 -21.19
N ASP A 617 -21.12 -5.15 -20.70
CA ASP A 617 -22.46 -5.61 -21.08
C ASP A 617 -22.67 -5.56 -22.59
N VAL A 618 -22.16 -4.52 -23.24
CA VAL A 618 -22.29 -4.37 -24.67
C VAL A 618 -21.29 -5.23 -25.41
N VAL A 619 -20.02 -5.13 -25.03
CA VAL A 619 -18.93 -5.74 -25.77
C VAL A 619 -18.94 -7.26 -25.67
N ASN A 620 -19.20 -7.78 -24.47
CA ASN A 620 -19.08 -9.21 -24.23
C ASN A 620 -20.23 -10.01 -24.85
N HIS A 621 -21.30 -9.36 -25.29
CA HIS A 621 -22.44 -10.07 -25.86
C HIS A 621 -22.72 -9.71 -27.32
N ASP A 622 -21.77 -9.04 -27.97
CA ASP A 622 -21.89 -8.71 -29.38
C ASP A 622 -21.30 -9.87 -30.18
N PRO A 623 -22.15 -10.63 -30.91
CA PRO A 623 -21.68 -11.85 -31.60
C PRO A 623 -20.61 -11.61 -32.68
N VAL A 624 -20.59 -10.42 -33.25
CA VAL A 624 -19.59 -10.05 -34.25
C VAL A 624 -18.18 -9.98 -33.65
N VAL A 625 -18.09 -9.57 -32.38
CA VAL A 625 -16.80 -9.46 -31.71
C VAL A 625 -16.24 -10.85 -31.44
N GLY A 626 -17.11 -11.77 -31.06
CA GLY A 626 -16.71 -13.15 -30.81
C GLY A 626 -15.90 -13.17 -29.55
N ASP A 627 -14.76 -13.85 -29.56
CA ASP A 627 -13.87 -13.86 -28.41
C ASP A 627 -12.60 -13.08 -28.70
N ARG A 628 -12.71 -12.06 -29.55
CA ARG A 628 -11.57 -11.21 -29.87
C ARG A 628 -11.39 -10.07 -28.86
N LEU A 629 -12.46 -9.74 -28.13
CA LEU A 629 -12.40 -8.68 -27.11
C LEU A 629 -13.35 -9.02 -25.98
N ARG A 630 -12.83 -8.96 -24.76
CA ARG A 630 -13.63 -9.16 -23.55
C ARG A 630 -13.23 -8.10 -22.54
N VAL A 631 -14.22 -7.56 -21.83
CA VAL A 631 -14.00 -6.55 -20.79
C VAL A 631 -14.60 -7.04 -19.48
N ILE A 632 -13.74 -7.27 -18.48
CA ILE A 632 -14.14 -7.82 -17.20
C ILE A 632 -13.73 -6.87 -16.06
N PHE A 633 -14.69 -6.55 -15.20
CA PHE A 633 -14.41 -5.83 -13.98
C PHE A 633 -14.11 -6.82 -12.86
N LEU A 634 -12.88 -6.76 -12.37
CA LEU A 634 -12.40 -7.64 -11.32
C LEU A 634 -12.88 -7.18 -9.95
N GLU A 635 -13.81 -7.93 -9.38
CA GLU A 635 -14.48 -7.59 -8.15
C GLU A 635 -13.60 -7.83 -6.92
N ASN A 636 -13.72 -6.92 -5.94
CA ASN A 636 -13.06 -7.04 -4.64
C ASN A 636 -11.53 -7.15 -4.69
N TYR A 637 -10.91 -6.33 -5.53
CA TYR A 637 -9.47 -6.29 -5.61
C TYR A 637 -8.87 -5.99 -4.24
N ARG A 638 -7.88 -6.80 -3.87
CA ARG A 638 -7.25 -6.80 -2.57
C ARG A 638 -5.95 -7.61 -2.69
N VAL A 639 -5.17 -7.73 -1.62
CA VAL A 639 -3.83 -8.32 -1.72
C VAL A 639 -3.87 -9.76 -2.27
N SER A 640 -4.79 -10.58 -1.76
CA SER A 640 -4.84 -11.98 -2.18
C SER A 640 -5.28 -12.12 -3.66
N LEU A 641 -6.12 -11.22 -4.16
CA LEU A 641 -6.45 -11.20 -5.60
C LEU A 641 -5.27 -10.70 -6.47
N ALA A 642 -4.49 -9.74 -5.96
CA ALA A 642 -3.29 -9.28 -6.66
C ALA A 642 -2.32 -10.44 -6.87
N GLU A 643 -2.18 -11.30 -5.87
CA GLU A 643 -1.25 -12.43 -5.94
C GLU A 643 -1.59 -13.42 -7.04
N LYS A 644 -2.86 -13.46 -7.43
CA LYS A 644 -3.36 -14.31 -8.52
C LYS A 644 -3.34 -13.63 -9.89
N VAL A 645 -3.83 -12.40 -9.99
CA VAL A 645 -3.93 -11.77 -11.30
C VAL A 645 -2.58 -11.27 -11.83
N ILE A 646 -1.71 -10.78 -10.96
CA ILE A 646 -0.47 -10.19 -11.42
C ILE A 646 0.44 -11.21 -12.16
N PRO A 647 0.64 -12.43 -11.62
CA PRO A 647 1.38 -13.46 -12.39
C PRO A 647 0.78 -13.83 -13.73
N ALA A 648 -0.50 -13.58 -13.93
CA ALA A 648 -1.19 -13.93 -15.16
C ALA A 648 -1.21 -12.80 -16.21
N ALA A 649 -0.71 -11.62 -15.88
CA ALA A 649 -0.85 -10.48 -16.78
C ALA A 649 0.22 -10.46 -17.88
N ASP A 650 -0.17 -9.98 -19.05
CA ASP A 650 0.78 -9.72 -20.15
C ASP A 650 1.15 -8.24 -20.24
N LEU A 651 0.16 -7.38 -20.02
CA LEU A 651 0.31 -5.92 -20.15
C LEU A 651 -0.17 -5.22 -18.88
N SER A 652 0.70 -4.41 -18.31
CA SER A 652 0.43 -3.62 -17.12
C SER A 652 0.14 -2.16 -17.47
N GLU A 653 -1.06 -1.71 -17.14
CA GLU A 653 -1.49 -0.36 -17.43
C GLU A 653 -1.14 0.59 -16.30
N GLN A 654 -0.19 1.47 -16.56
CA GLN A 654 0.30 2.45 -15.58
C GLN A 654 0.23 3.88 -16.18
N ILE A 655 -0.98 4.42 -16.24
CA ILE A 655 -1.28 5.54 -17.15
C ILE A 655 -1.80 6.81 -16.49
N SER A 656 -1.31 7.08 -15.27
CA SER A 656 -1.63 8.32 -14.56
C SER A 656 -1.10 9.52 -15.35
N THR A 657 -1.78 10.66 -15.26
CA THR A 657 -1.27 11.89 -15.81
C THR A 657 0.09 12.21 -15.20
N ALA A 658 1.07 12.55 -16.04
CA ALA A 658 2.42 12.83 -15.57
C ALA A 658 2.40 13.85 -14.43
N GLY A 659 3.12 13.51 -13.35
CA GLY A 659 3.22 14.37 -12.17
C GLY A 659 2.21 14.08 -11.04
N THR A 660 1.38 13.06 -11.21
CA THR A 660 0.33 12.78 -10.21
C THR A 660 0.52 11.51 -9.37
N GLU A 661 1.10 10.45 -9.93
CA GLU A 661 1.36 9.23 -9.16
C GLU A 661 2.74 9.37 -8.53
N ALA A 662 2.83 9.55 -7.21
CA ALA A 662 4.11 9.80 -6.56
C ALA A 662 5.16 8.74 -6.90
N SER A 663 4.74 7.48 -6.83
CA SER A 663 5.62 6.35 -7.19
C SER A 663 4.86 5.29 -7.96
N GLY A 664 3.88 4.70 -7.30
CA GLY A 664 3.27 3.47 -7.75
C GLY A 664 4.13 2.34 -7.20
N THR A 665 3.49 1.20 -6.92
CA THR A 665 4.18 -0.04 -6.54
C THR A 665 3.61 -1.23 -7.29
N GLY A 666 2.34 -1.13 -7.68
CA GLY A 666 1.75 -2.14 -8.55
C GLY A 666 2.64 -2.32 -9.78
N ASN A 667 3.03 -1.19 -10.39
CA ASN A 667 3.97 -1.20 -11.52
C ASN A 667 5.15 -2.19 -11.35
N MET A 668 5.76 -2.19 -10.16
CA MET A 668 6.92 -3.02 -9.87
C MET A 668 6.56 -4.48 -9.78
N1 LLP A 669 -3.73 -2.32 -3.79
C2 LLP A 669 -3.27 -3.58 -3.60
C2' LLP A 669 -4.17 -4.64 -3.07
C3 LLP A 669 -1.88 -3.88 -3.91
O3 LLP A 669 -1.37 -5.13 -3.72
C4 LLP A 669 -1.03 -2.79 -4.44
C4' LLP A 669 0.42 -2.95 -4.78
C5 LLP A 669 -1.66 -1.46 -4.58
C6 LLP A 669 -2.98 -1.30 -4.26
C5' LLP A 669 -0.86 -0.29 -5.14
OP4 LLP A 669 -1.01 -0.33 -6.56
P LLP A 669 -0.68 1.01 -7.41
OP1 LLP A 669 -0.99 0.47 -8.79
OP2 LLP A 669 -1.71 1.98 -6.94
OP3 LLP A 669 0.74 1.38 -7.13
N LLP A 669 5.38 -4.77 -9.22
CA LLP A 669 4.88 -6.14 -9.10
CB LLP A 669 3.52 -6.14 -8.39
CG LLP A 669 3.60 -5.62 -6.95
CD LLP A 669 2.22 -5.45 -6.33
CE LLP A 669 2.27 -4.58 -5.08
NZ LLP A 669 0.92 -4.28 -4.64
C LLP A 669 4.77 -6.77 -10.47
O LLP A 669 5.18 -7.93 -10.68
N PHE A 670 4.19 -6.03 -11.41
CA PHE A 670 3.98 -6.54 -12.77
C PHE A 670 5.28 -6.80 -13.51
N MET A 671 6.25 -5.92 -13.29
CA MET A 671 7.54 -6.01 -13.95
C MET A 671 8.30 -7.28 -13.51
N LEU A 672 8.24 -7.58 -12.22
CA LEU A 672 8.92 -8.75 -11.65
C LEU A 672 8.29 -10.06 -12.11
N ASN A 673 7.02 -9.99 -12.50
CA ASN A 673 6.25 -11.17 -12.84
C ASN A 673 5.99 -11.40 -14.32
N GLY A 674 6.69 -10.68 -15.17
CA GLY A 674 6.74 -11.01 -16.61
C GLY A 674 5.65 -10.40 -17.47
N ALA A 675 5.20 -9.20 -17.08
CA ALA A 675 4.33 -8.41 -17.92
C ALA A 675 5.15 -7.25 -18.45
N LEU A 676 4.80 -6.80 -19.64
CA LEU A 676 5.36 -5.56 -20.18
C LEU A 676 4.47 -4.40 -19.73
N THR A 677 5.02 -3.20 -19.72
CA THR A 677 4.35 -2.02 -19.18
C THR A 677 4.03 -0.98 -20.26
N ILE A 678 2.77 -0.54 -20.30
CA ILE A 678 2.40 0.67 -21.05
C ILE A 678 2.09 1.75 -20.01
N GLY A 679 2.81 2.86 -20.11
CA GLY A 679 2.68 3.89 -19.12
C GLY A 679 3.27 5.23 -19.49
N THR A 680 2.89 6.21 -18.70
CA THR A 680 3.38 7.56 -18.80
C THR A 680 4.69 7.69 -18.03
N MET A 681 5.42 8.75 -18.30
CA MET A 681 6.63 9.04 -17.55
C MET A 681 6.23 9.70 -16.22
N ASP A 682 5.71 8.87 -15.31
CA ASP A 682 5.23 9.32 -14.01
C ASP A 682 5.76 8.39 -12.90
N GLY A 683 5.92 8.94 -11.70
CA GLY A 683 6.35 8.13 -10.57
C GLY A 683 7.55 7.26 -10.89
N ALA A 684 7.48 6.01 -10.44
CA ALA A 684 8.60 5.10 -10.57
C ALA A 684 8.71 4.54 -11.99
N ASN A 685 7.69 4.75 -12.83
CA ASN A 685 7.77 4.33 -14.23
C ASN A 685 9.05 4.85 -14.88
N VAL A 686 9.44 6.06 -14.51
CA VAL A 686 10.63 6.70 -15.07
C VAL A 686 11.88 5.87 -14.78
N GLU A 687 12.01 5.42 -13.53
CA GLU A 687 13.16 4.65 -13.13
C GLU A 687 13.11 3.24 -13.67
N MET A 688 11.91 2.66 -13.75
CA MET A 688 11.75 1.34 -14.36
C MET A 688 12.21 1.37 -15.84
N ALA A 689 11.82 2.40 -16.59
CA ALA A 689 12.22 2.50 -18.02
C ALA A 689 13.72 2.71 -18.15
N GLU A 690 14.27 3.47 -17.23
CA GLU A 690 15.68 3.73 -17.20
C GLU A 690 16.46 2.44 -16.92
N GLU A 691 15.97 1.61 -16.00
CA GLU A 691 16.64 0.33 -15.71
C GLU A 691 16.52 -0.65 -16.86
N ALA A 692 15.35 -0.79 -17.44
CA ALA A 692 15.15 -1.77 -18.50
C ALA A 692 15.67 -1.29 -19.86
N GLY A 693 15.65 0.02 -20.07
CA GLY A 693 15.90 0.62 -21.37
C GLY A 693 14.58 1.01 -21.98
N GLU A 694 14.50 2.24 -22.49
CA GLU A 694 13.24 2.73 -23.05
C GLU A 694 12.72 1.91 -24.24
N GLU A 695 13.62 1.28 -24.98
CA GLU A 695 13.24 0.37 -26.08
C GLU A 695 12.43 -0.82 -25.59
N ASN A 696 12.51 -1.12 -24.30
CA ASN A 696 11.84 -2.29 -23.73
C ASN A 696 10.63 -1.93 -22.86
N PHE A 697 10.12 -0.73 -23.09
CA PHE A 697 9.00 -0.17 -22.35
C PHE A 697 8.09 0.53 -23.33
N PHE A 698 6.78 0.49 -23.11
CA PHE A 698 5.85 1.20 -23.98
C PHE A 698 5.46 2.53 -23.33
N ILE A 699 6.32 3.53 -23.53
CA ILE A 699 6.12 4.86 -23.00
C ILE A 699 5.34 5.74 -23.98
N PHE A 700 4.39 6.51 -23.46
CA PHE A 700 3.65 7.43 -24.28
C PHE A 700 3.24 8.67 -23.45
N GLY A 701 2.78 9.69 -24.15
CA GLY A 701 2.06 10.78 -23.52
C GLY A 701 2.89 11.97 -23.11
N MET A 702 2.19 12.97 -22.58
CA MET A 702 2.85 14.16 -22.06
C MET A 702 3.82 13.79 -20.94
N ARG A 703 4.96 14.48 -20.90
CA ARG A 703 5.81 14.50 -19.70
C ARG A 703 5.31 15.65 -18.82
N VAL A 704 5.84 15.73 -17.62
CA VAL A 704 5.45 16.78 -16.66
C VAL A 704 5.56 18.17 -17.28
N GLU A 705 6.63 18.39 -18.04
CA GLU A 705 6.88 19.69 -18.70
C GLU A 705 5.77 20.04 -19.68
N ASP A 706 5.27 19.03 -20.41
CA ASP A 706 4.17 19.23 -21.36
C ASP A 706 2.87 19.56 -20.64
N VAL A 707 2.63 18.93 -19.50
CA VAL A 707 1.42 19.21 -18.73
C VAL A 707 1.44 20.67 -18.24
N ASP A 708 2.58 21.09 -17.71
CA ASP A 708 2.78 22.47 -17.28
C ASP A 708 2.52 23.48 -18.40
N ARG A 709 3.06 23.23 -19.59
CA ARG A 709 2.82 24.12 -20.74
C ARG A 709 1.36 24.20 -21.12
N LEU A 710 0.64 23.08 -21.03
CA LEU A 710 -0.79 23.04 -21.36
C LEU A 710 -1.61 23.85 -20.34
N ASP A 711 -1.23 23.76 -19.06
CA ASP A 711 -1.89 24.54 -17.99
C ASP A 711 -1.71 26.06 -18.18
N GLN A 712 -0.53 26.49 -18.63
CA GLN A 712 -0.28 27.90 -18.83
C GLN A 712 -1.17 28.43 -19.93
N ARG A 713 -1.24 27.68 -21.01
CA ARG A 713 -2.11 27.98 -22.14
C ARG A 713 -3.59 27.89 -21.81
N GLY A 714 -3.96 26.87 -21.03
CA GLY A 714 -5.36 26.57 -20.72
C GLY A 714 -5.80 25.31 -21.43
N TYR A 715 -6.17 24.29 -20.68
CA TYR A 715 -6.62 23.04 -21.28
C TYR A 715 -8.04 23.18 -21.83
N ASN A 716 -8.20 22.97 -23.13
CA ASN A 716 -9.49 23.01 -23.77
C ASN A 716 -9.80 21.68 -24.46
N ALA A 717 -10.63 20.87 -23.80
CA ALA A 717 -10.91 19.52 -24.26
C ALA A 717 -11.68 19.51 -25.58
N GLN A 718 -12.45 20.58 -25.83
CA GLN A 718 -13.24 20.70 -27.06
C GLN A 718 -12.36 20.61 -28.32
N GLU A 719 -11.16 21.16 -28.23
CA GLU A 719 -10.21 21.13 -29.34
C GLU A 719 -9.94 19.68 -29.80
N TYR A 720 -9.69 18.79 -28.84
CA TYR A 720 -9.42 17.38 -29.14
C TYR A 720 -10.65 16.69 -29.74
N TYR A 721 -11.82 16.93 -29.15
CA TYR A 721 -13.09 16.43 -29.68
C TYR A 721 -13.31 16.88 -31.14
N ASP A 722 -12.97 18.13 -31.43
CA ASP A 722 -13.16 18.66 -32.79
C ASP A 722 -12.19 18.06 -33.83
N ARG A 723 -10.99 17.66 -33.40
CA ARG A 723 -9.94 17.25 -34.34
C ARG A 723 -9.75 15.75 -34.44
N ILE A 724 -10.37 14.97 -33.56
CA ILE A 724 -10.16 13.51 -33.56
C ILE A 724 -11.52 12.84 -33.74
N PRO A 725 -11.83 12.39 -34.97
CA PRO A 725 -13.16 11.83 -35.23
C PRO A 725 -13.49 10.59 -34.41
N GLU A 726 -12.52 9.72 -34.17
CA GLU A 726 -12.78 8.52 -33.37
C GLU A 726 -13.18 8.84 -31.93
N LEU A 727 -12.61 9.91 -31.38
CA LEU A 727 -12.94 10.39 -30.04
C LEU A 727 -14.36 10.97 -29.95
N ARG A 728 -14.69 11.81 -30.93
CA ARG A 728 -16.03 12.37 -31.05
C ARG A 728 -17.10 11.29 -31.08
N GLN A 729 -16.87 10.23 -31.85
CA GLN A 729 -17.81 9.12 -31.96
C GLN A 729 -18.09 8.47 -30.60
N ILE A 730 -17.04 8.28 -29.81
CA ILE A 730 -17.18 7.71 -28.45
C ILE A 730 -18.00 8.63 -27.53
N ILE A 731 -17.73 9.92 -27.59
CA ILE A 731 -18.45 10.90 -26.77
C ILE A 731 -19.93 10.94 -27.14
N GLU A 732 -20.23 10.85 -28.42
CA GLU A 732 -21.62 10.78 -28.87
C GLU A 732 -22.28 9.50 -28.40
N GLN A 733 -21.56 8.40 -28.46
CA GLN A 733 -22.10 7.12 -27.97
C GLN A 733 -22.42 7.17 -26.48
N LEU A 734 -21.52 7.76 -25.68
CA LEU A 734 -21.76 7.94 -24.24
C LEU A 734 -22.98 8.83 -23.99
N SER A 735 -23.01 9.98 -24.66
CA SER A 735 -24.07 10.96 -24.52
C SER A 735 -25.44 10.42 -24.88
N SER A 736 -25.50 9.67 -25.97
CA SER A 736 -26.79 9.27 -26.57
C SER A 736 -27.41 8.02 -25.98
N GLY A 737 -26.69 7.32 -25.11
CA GLY A 737 -27.28 6.18 -24.41
C GLY A 737 -26.92 4.84 -25.02
N PHE A 738 -25.88 4.82 -25.86
CA PHE A 738 -25.44 3.59 -26.49
C PHE A 738 -25.07 2.53 -25.46
N PHE A 739 -24.44 2.95 -24.36
CA PHE A 739 -24.03 2.03 -23.32
C PHE A 739 -25.00 1.96 -22.13
N SER A 740 -26.12 2.68 -22.22
CA SER A 740 -27.16 2.66 -21.18
C SER A 740 -28.57 2.89 -21.79
N PRO A 741 -29.05 1.93 -22.61
CA PRO A 741 -30.25 2.14 -23.44
C PRO A 741 -31.49 2.57 -22.64
N LYS A 742 -31.71 1.95 -21.49
CA LYS A 742 -32.88 2.23 -20.68
C LYS A 742 -32.77 3.51 -19.85
N GLN A 743 -31.55 4.03 -19.71
CA GLN A 743 -31.33 5.34 -19.09
C GLN A 743 -30.30 6.08 -19.93
N PRO A 744 -30.73 6.72 -21.02
CA PRO A 744 -29.81 7.36 -21.98
C PRO A 744 -28.87 8.42 -21.40
N ASP A 745 -29.28 9.12 -20.36
CA ASP A 745 -28.44 10.18 -19.78
C ASP A 745 -27.57 9.73 -18.57
N LEU A 746 -27.52 8.42 -18.33
CA LEU A 746 -26.78 7.87 -17.19
C LEU A 746 -25.34 8.40 -17.05
N PHE A 747 -24.65 8.63 -18.16
CA PHE A 747 -23.24 9.00 -18.12
C PHE A 747 -22.97 10.46 -18.44
N LYS A 748 -24.01 11.30 -18.35
CA LYS A 748 -23.85 12.73 -18.64
C LYS A 748 -22.81 13.39 -17.73
N ASP A 749 -22.78 13.01 -16.46
CA ASP A 749 -21.79 13.57 -15.53
C ASP A 749 -20.36 13.32 -16.03
N ILE A 750 -20.14 12.12 -16.58
CA ILE A 750 -18.82 11.73 -17.07
C ILE A 750 -18.45 12.53 -18.30
N VAL A 751 -19.38 12.65 -19.24
CA VAL A 751 -19.14 13.45 -20.46
C VAL A 751 -18.88 14.89 -20.10
N ASN A 752 -19.72 15.42 -19.21
CA ASN A 752 -19.62 16.80 -18.77
C ASN A 752 -18.24 17.05 -18.15
N MET A 753 -17.78 16.12 -17.31
CA MET A 753 -16.47 16.26 -16.69
C MET A 753 -15.35 16.26 -17.74
N LEU A 754 -15.38 15.27 -18.64
CA LEU A 754 -14.38 15.14 -19.73
C LEU A 754 -14.29 16.38 -20.61
N MET A 755 -15.44 16.95 -20.96
CA MET A 755 -15.54 18.11 -21.86
C MET A 755 -15.22 19.46 -21.23
N HIS A 756 -15.52 19.64 -19.95
CA HIS A 756 -15.44 20.99 -19.33
C HIS A 756 -14.57 21.14 -18.10
N HIS A 757 -14.35 20.09 -17.31
CA HIS A 757 -13.46 20.26 -16.15
C HIS A 757 -12.67 19.01 -15.78
N ASP A 758 -11.88 18.55 -16.75
CA ASP A 758 -11.00 17.42 -16.55
C ASP A 758 -9.65 17.91 -16.06
N ARG A 759 -9.43 17.80 -14.75
CA ARG A 759 -8.13 18.18 -14.17
C ARG A 759 -6.98 17.29 -14.66
N PHE A 760 -7.29 16.13 -15.24
CA PHE A 760 -6.25 15.12 -15.55
C PHE A 760 -6.04 14.84 -17.06
N LYS A 761 -6.69 15.64 -17.90
CA LYS A 761 -6.33 15.78 -19.31
C LYS A 761 -6.35 14.44 -20.05
N VAL A 762 -7.46 13.73 -19.92
CA VAL A 762 -7.66 12.43 -20.54
C VAL A 762 -7.54 12.51 -22.07
N PHE A 763 -8.25 13.48 -22.68
CA PHE A 763 -8.21 13.65 -24.13
C PHE A 763 -6.81 13.96 -24.66
N ALA A 764 -6.02 14.74 -23.92
CA ALA A 764 -4.70 15.14 -24.39
C ALA A 764 -3.72 13.99 -24.62
N ASP A 765 -3.92 12.85 -23.94
CA ASP A 765 -3.04 11.70 -24.17
C ASP A 765 -3.71 10.62 -25.02
N TYR A 766 -4.92 10.85 -25.49
CA TYR A 766 -5.69 9.80 -26.19
C TYR A 766 -5.01 9.27 -27.44
N GLU A 767 -4.66 10.16 -28.37
CA GLU A 767 -4.04 9.75 -29.64
C GLU A 767 -2.76 8.94 -29.44
N GLU A 768 -1.83 9.49 -28.68
CA GLU A 768 -0.57 8.83 -28.38
C GLU A 768 -0.77 7.46 -27.70
N TYR A 769 -1.76 7.37 -26.80
CA TYR A 769 -2.07 6.13 -26.11
C TYR A 769 -2.58 5.06 -27.09
N VAL A 770 -3.55 5.42 -27.92
CA VAL A 770 -4.07 4.48 -28.92
C VAL A 770 -2.96 3.97 -29.88
N LYS A 771 -2.10 4.88 -30.33
CA LYS A 771 -0.95 4.51 -31.17
C LYS A 771 0.01 3.57 -30.46
N CYS A 772 0.32 3.86 -29.20
CA CYS A 772 1.22 3.02 -28.43
C CYS A 772 0.63 1.61 -28.25
N GLN A 773 -0.65 1.55 -27.94
CA GLN A 773 -1.39 0.29 -27.85
C GLN A 773 -1.31 -0.56 -29.15
N GLU A 774 -1.29 0.09 -30.32
CA GLU A 774 -1.11 -0.62 -31.59
C GLU A 774 0.27 -1.29 -31.64
N ARG A 775 1.30 -0.62 -31.14
CA ARG A 775 2.64 -1.19 -31.09
C ARG A 775 2.74 -2.40 -30.15
N VAL A 776 2.00 -2.35 -29.06
CA VAL A 776 1.94 -3.46 -28.14
C VAL A 776 1.37 -4.66 -28.87
N SER A 777 0.26 -4.45 -29.57
CA SER A 777 -0.41 -5.53 -30.32
C SER A 777 0.51 -6.14 -31.39
N ALA A 778 1.24 -5.28 -32.08
CA ALA A 778 2.21 -5.73 -33.08
C ALA A 778 3.25 -6.67 -32.47
N LEU A 779 3.80 -6.30 -31.31
CA LEU A 779 4.82 -7.13 -30.66
C LEU A 779 4.25 -8.46 -30.18
N TYR A 780 3.00 -8.44 -29.72
CA TYR A 780 2.39 -9.66 -29.17
C TYR A 780 2.19 -10.72 -30.26
N LYS A 781 2.05 -10.28 -31.52
CA LYS A 781 1.99 -11.19 -32.68
C LYS A 781 3.26 -11.99 -32.94
N ASN A 782 4.39 -11.56 -32.36
CA ASN A 782 5.66 -12.28 -32.45
C ASN A 782 6.06 -12.80 -31.07
N PRO A 783 5.51 -13.96 -30.67
CA PRO A 783 5.72 -14.52 -29.33
C PRO A 783 7.16 -14.55 -28.84
N ARG A 784 8.11 -14.84 -29.73
CA ARG A 784 9.52 -14.94 -29.34
C ARG A 784 10.09 -13.58 -28.93
N GLU A 785 9.77 -12.53 -29.70
CA GLU A 785 10.31 -11.21 -29.37
C GLU A 785 9.60 -10.57 -28.16
N TRP A 786 8.30 -10.82 -28.00
CA TRP A 786 7.60 -10.43 -26.78
C TRP A 786 8.35 -11.01 -25.57
N THR A 787 8.57 -12.33 -25.58
CA THR A 787 9.20 -13.00 -24.45
C THR A 787 10.63 -12.52 -24.20
N ARG A 788 11.35 -12.18 -25.26
CA ARG A 788 12.70 -11.65 -25.07
C ARG A 788 12.66 -10.28 -24.40
N MET A 789 11.69 -9.46 -24.76
CA MET A 789 11.53 -8.15 -24.09
C MET A 789 11.16 -8.32 -22.61
N VAL A 790 10.28 -9.28 -22.34
CA VAL A 790 9.92 -9.63 -20.96
C VAL A 790 11.16 -10.01 -20.16
N ILE A 791 12.01 -10.88 -20.70
CA ILE A 791 13.23 -11.28 -20.02
C ILE A 791 14.05 -10.08 -19.67
N ARG A 792 14.10 -9.11 -20.58
CA ARG A 792 14.88 -7.91 -20.29
C ARG A 792 14.26 -7.06 -19.17
N ASN A 793 12.94 -7.15 -18.99
CA ASN A 793 12.28 -6.43 -17.87
C ASN A 793 12.58 -7.14 -16.52
N ILE A 794 12.29 -8.43 -16.45
CA ILE A 794 12.53 -9.23 -15.23
C ILE A 794 13.98 -9.07 -14.76
N ALA A 795 14.89 -9.15 -15.73
CA ALA A 795 16.33 -9.10 -15.46
C ALA A 795 16.81 -7.78 -14.85
N THR A 796 16.09 -6.71 -15.13
CA THR A 796 16.46 -5.38 -14.62
C THR A 796 15.50 -4.86 -13.51
N SER A 797 14.71 -5.74 -12.92
CA SER A 797 13.75 -5.35 -11.88
C SER A 797 14.34 -5.28 -10.46
N GLY A 798 15.60 -5.67 -10.33
CA GLY A 798 16.31 -5.73 -9.05
C GLY A 798 16.32 -4.48 -8.20
N LYS A 799 16.47 -3.30 -8.82
CA LYS A 799 16.43 -2.04 -8.09
C LYS A 799 15.15 -1.89 -7.25
N PHE A 800 14.08 -2.55 -7.66
CA PHE A 800 12.76 -2.32 -7.06
C PHE A 800 12.39 -3.29 -5.94
N SER A 801 13.38 -4.01 -5.44
CA SER A 801 13.25 -4.74 -4.18
C SER A 801 13.20 -3.77 -3.00
N SER A 802 12.24 -4.00 -2.11
CA SER A 802 12.18 -3.21 -0.87
C SER A 802 13.39 -3.43 0.03
N ASP A 803 14.17 -4.49 -0.19
CA ASP A 803 15.44 -4.62 0.57
C ASP A 803 16.42 -3.50 0.21
N ARG A 804 16.44 -3.07 -1.05
CA ARG A 804 17.28 -1.92 -1.46
C ARG A 804 16.75 -0.64 -0.80
N THR A 805 15.44 -0.44 -0.88
CA THR A 805 14.81 0.72 -0.27
C THR A 805 15.14 0.84 1.23
N ILE A 806 14.92 -0.23 1.98
CA ILE A 806 15.14 -0.22 3.42
C ILE A 806 16.63 -0.04 3.76
N ALA A 807 17.50 -0.64 2.97
CA ALA A 807 18.94 -0.43 3.18
C ALA A 807 19.29 1.05 3.03
N GLN A 808 18.64 1.77 2.12
CA GLN A 808 18.88 3.20 1.98
C GLN A 808 18.31 4.01 3.14
N TYR A 809 17.10 3.68 3.61
CA TYR A 809 16.55 4.32 4.82
C TYR A 809 17.50 4.11 5.98
N ALA A 810 17.98 2.87 6.13
CA ALA A 810 18.79 2.52 7.28
C ALA A 810 20.10 3.32 7.35
N ARG A 811 20.79 3.45 6.21
CA ARG A 811 22.08 4.15 6.18
C ARG A 811 21.95 5.64 6.11
N GLU A 812 21.00 6.13 5.33
CA GLU A 812 20.91 7.58 5.04
C GLU A 812 19.95 8.34 5.94
N ILE A 813 19.04 7.63 6.64
CA ILE A 813 18.10 8.30 7.54
C ILE A 813 18.23 7.83 8.99
N TRP A 814 18.20 6.52 9.23
CA TRP A 814 18.14 6.00 10.61
C TRP A 814 19.49 5.82 11.27
N GLY A 815 20.56 5.77 10.48
CA GLY A 815 21.92 5.62 11.00
C GLY A 815 22.22 4.25 11.58
N VAL A 816 21.78 3.19 10.89
CA VAL A 816 22.03 1.82 11.32
C VAL A 816 22.42 0.98 10.11
N GLU A 817 23.23 -0.04 10.36
CA GLU A 817 23.72 -0.91 9.29
C GLU A 817 22.85 -2.16 9.19
N PRO A 818 22.38 -2.47 7.97
CA PRO A 818 21.69 -3.75 7.77
C PRO A 818 22.63 -4.94 7.96
N SER A 819 22.07 -6.12 8.19
CA SER A 819 22.85 -7.33 8.39
C SER A 819 22.12 -8.52 7.78
N ARG A 820 22.86 -9.38 7.09
CA ARG A 820 22.26 -10.55 6.44
C ARG A 820 22.54 -11.88 7.19
N GLN A 821 23.17 -11.79 8.37
CA GLN A 821 23.54 -12.97 9.13
C GLN A 821 22.39 -13.64 9.91
N ARG A 822 22.31 -14.97 9.78
CA ARG A 822 21.44 -15.83 10.56
C ARG A 822 21.60 -15.61 12.07
N LEU A 823 20.47 -15.52 12.78
CA LEU A 823 20.45 -15.79 14.22
C LEU A 823 20.41 -17.31 14.39
N PRO A 824 20.90 -17.82 15.52
CA PRO A 824 20.89 -19.28 15.74
C PRO A 824 19.50 -19.86 15.97
N ALA A 825 19.28 -21.09 15.47
CA ALA A 825 18.04 -21.83 15.72
C ALA A 825 18.31 -22.95 16.74
C17 26Q B . -7.83 9.15 5.17
C16 26Q B . -8.62 9.86 6.09
C15 26Q B . -8.11 10.99 6.73
C14 26Q B . -6.80 11.42 6.46
C13 26Q B . -6.03 10.73 5.52
C12 26Q B . -6.53 9.58 4.86
C9 26Q B . -5.74 8.88 3.92
C8 26Q B . -4.98 9.57 2.96
C7 26Q B . -4.20 8.90 2.02
C10 26Q B . -5.72 7.48 3.92
C11 26Q B . -4.95 6.79 2.97
C6 26Q B . -4.18 7.49 2.01
C5 26Q B . -3.45 6.70 1.11
C4 26Q B . -2.35 7.25 0.20
C2 26Q B . -1.58 6.29 -0.73
O3 26Q B . -1.85 5.08 -0.80
N1 26Q B . -0.64 6.89 -1.48
C1' 26Q B . 0.21 6.12 -2.40
O5' 26Q B . 1.39 5.73 -1.63
C5' 26Q B . 2.17 4.78 -2.40
C6' 26Q B . 3.34 4.29 -1.56
O6' 26Q B . 4.30 5.34 -1.56
C4' 26Q B . 2.67 5.40 -3.77
O4' 26Q B . 3.29 4.37 -4.55
C3' 26Q B . 1.50 6.03 -4.56
O3' 26Q B . 2.05 6.74 -5.69
C2' 26Q B . 0.66 6.96 -3.62
O2' 26Q B . -0.48 7.51 -4.29
S DMS C . -1.68 -18.21 2.46
O DMS C . -1.16 -16.92 2.98
C1 DMS C . -3.21 -18.55 3.14
C2 DMS C . -1.98 -18.06 0.77
#